data_7EH3
#
_entry.id   7EH3
#
_entity_poly.entity_id   1
_entity_poly.type   'polypeptide(L)'
_entity_poly.pdbx_seq_one_letter_code
;MQVQLQESGGGLVQAGGSLRLSCAASGRTFSSYAMAWFRQAPGKEREFVARISGVGTNTYYTDSVKGRVTISRDNAKNTV
YLQMNSLKPEDTAVYYCAASIYGYYSDTSYYTRLNNYLYWGQGTQVTVSSHHHHHH
;
_entity_poly.pdbx_strand_id   A
#
# COMPACT_ATOMS: atom_id res chain seq x y z
N GLN A 2 -19.80 6.59 6.06
CA GLN A 2 -19.60 5.27 5.39
C GLN A 2 -18.65 5.40 4.19
N VAL A 3 -17.74 4.44 4.01
CA VAL A 3 -16.84 4.33 2.84
C VAL A 3 -16.77 2.88 2.31
N GLN A 4 -16.38 2.72 1.05
CA GLN A 4 -16.08 1.43 0.41
C GLN A 4 -14.63 1.43 -0.11
N LEU A 5 -13.98 0.27 -0.14
CA LEU A 5 -12.64 0.07 -0.70
C LEU A 5 -12.64 -0.92 -1.89
N GLN A 6 -11.74 -0.70 -2.85
CA GLN A 6 -11.50 -1.55 -4.02
C GLN A 6 -9.99 -1.69 -4.30
N GLU A 7 -9.58 -2.85 -4.83
CA GLU A 7 -8.20 -3.17 -5.20
C GLU A 7 -8.12 -3.60 -6.67
N SER A 8 -7.08 -3.15 -7.39
CA SER A 8 -6.86 -3.49 -8.82
C SER A 8 -5.37 -3.45 -9.22
N GLY A 9 -5.07 -3.93 -10.44
CA GLY A 9 -3.71 -4.05 -10.98
C GLY A 9 -2.88 -5.23 -10.44
N GLY A 10 -3.27 -5.82 -9.31
CA GLY A 10 -2.56 -6.91 -8.63
C GLY A 10 -2.30 -8.12 -9.53
N GLY A 11 -1.05 -8.59 -9.55
CA GLY A 11 -0.57 -9.67 -10.41
C GLY A 11 0.85 -10.13 -10.08
N LEU A 12 1.33 -11.14 -10.81
CA LEU A 12 2.62 -11.80 -10.62
C LEU A 12 3.44 -11.79 -11.92
N VAL A 13 4.63 -11.18 -11.88
CA VAL A 13 5.49 -10.92 -13.06
C VAL A 13 6.96 -11.23 -12.74
N GLN A 14 7.66 -11.85 -13.69
CA GLN A 14 9.05 -12.32 -13.56
C GLN A 14 10.09 -11.18 -13.59
N ALA A 15 11.36 -11.51 -13.32
CA ALA A 15 12.46 -10.53 -13.23
C ALA A 15 12.69 -9.76 -14.54
N GLY A 16 13.06 -8.48 -14.42
CA GLY A 16 13.20 -7.55 -15.56
C GLY A 16 11.88 -7.03 -16.17
N GLY A 17 10.74 -7.59 -15.77
CA GLY A 17 9.39 -7.10 -16.11
C GLY A 17 8.95 -5.92 -15.24
N SER A 18 7.68 -5.52 -15.38
CA SER A 18 7.04 -4.41 -14.65
C SER A 18 5.72 -4.84 -13.98
N LEU A 19 5.33 -4.13 -12.92
CA LEU A 19 4.11 -4.37 -12.13
C LEU A 19 3.51 -3.05 -11.65
N ARG A 20 2.18 -2.92 -11.71
CA ARG A 20 1.43 -1.72 -11.29
C ARG A 20 0.34 -2.11 -10.30
N LEU A 21 0.28 -1.44 -9.15
CA LEU A 21 -0.60 -1.76 -8.02
C LEU A 21 -1.45 -0.54 -7.64
N SER A 22 -2.71 -0.75 -7.24
CA SER A 22 -3.59 0.35 -6.82
C SER A 22 -4.65 -0.06 -5.80
N CYS A 23 -4.99 0.90 -4.94
CA CYS A 23 -6.11 0.86 -4.00
C CYS A 23 -6.95 2.13 -4.17
N ALA A 24 -8.28 1.98 -4.17
CA ALA A 24 -9.25 3.06 -4.34
C ALA A 24 -10.28 3.04 -3.21
N ALA A 25 -10.77 4.22 -2.81
CA ALA A 25 -11.84 4.38 -1.84
C ALA A 25 -12.96 5.30 -2.36
N SER A 26 -14.21 4.98 -2.02
CA SER A 26 -15.41 5.76 -2.36
C SER A 26 -15.98 6.46 -1.11
N GLY A 27 -16.43 7.71 -1.29
CA GLY A 27 -16.84 8.62 -0.21
C GLY A 27 -15.81 9.74 0.04
N ARG A 28 -16.23 10.77 0.79
CA ARG A 28 -15.47 12.04 1.01
C ARG A 28 -14.79 12.15 2.37
N THR A 29 -15.01 11.19 3.27
CA THR A 29 -14.46 11.16 4.64
C THR A 29 -13.09 10.49 4.76
N PHE A 30 -12.39 10.27 3.63
CA PHE A 30 -11.03 9.69 3.59
C PHE A 30 -10.02 10.45 4.49
N SER A 31 -10.25 11.74 4.76
CA SER A 31 -9.50 12.56 5.74
C SER A 31 -9.46 11.99 7.18
N SER A 32 -10.31 11.02 7.53
CA SER A 32 -10.25 10.24 8.79
C SER A 32 -10.03 8.73 8.59
N TYR A 33 -9.63 8.29 7.38
CA TYR A 33 -9.20 6.91 7.08
C TYR A 33 -7.77 6.87 6.54
N ALA A 34 -6.85 6.30 7.33
CA ALA A 34 -5.45 6.10 6.96
C ALA A 34 -5.30 4.78 6.19
N MET A 35 -4.68 4.81 5.01
CA MET A 35 -4.22 3.60 4.33
C MET A 35 -2.79 3.24 4.80
N ALA A 36 -2.54 1.95 4.99
CA ALA A 36 -1.22 1.42 5.34
C ALA A 36 -0.84 0.26 4.42
N TRP A 37 0.40 0.24 3.94
CA TRP A 37 0.97 -0.83 3.13
C TRP A 37 2.00 -1.65 3.91
N PHE A 38 1.88 -2.97 3.83
CA PHE A 38 2.79 -3.94 4.47
C PHE A 38 3.27 -5.00 3.49
N ARG A 39 4.43 -5.61 3.78
CA ARG A 39 5.07 -6.67 2.98
C ARG A 39 5.40 -7.89 3.85
N GLN A 40 5.09 -9.08 3.33
CA GLN A 40 5.44 -10.37 3.92
C GLN A 40 6.43 -11.11 2.99
N ALA A 41 7.69 -11.15 3.38
CA ALA A 41 8.74 -11.93 2.71
C ALA A 41 8.87 -13.33 3.36
N PRO A 42 8.87 -14.44 2.58
CA PRO A 42 9.00 -15.80 3.13
C PRO A 42 10.28 -15.99 3.97
N GLY A 43 10.16 -16.71 5.09
CA GLY A 43 11.26 -16.97 6.04
C GLY A 43 11.64 -15.80 6.97
N LYS A 44 10.92 -14.67 6.89
CA LYS A 44 11.13 -13.44 7.69
C LYS A 44 9.80 -12.93 8.28
N GLU A 45 9.89 -11.98 9.21
CA GLU A 45 8.73 -11.26 9.76
C GLU A 45 8.17 -10.21 8.78
N ARG A 46 6.91 -9.77 9.00
CA ARG A 46 6.26 -8.72 8.20
C ARG A 46 6.86 -7.33 8.49
N GLU A 47 6.89 -6.47 7.48
CA GLU A 47 7.44 -5.11 7.55
C GLU A 47 6.51 -4.07 6.91
N PHE A 48 6.62 -2.81 7.35
CA PHE A 48 5.91 -1.67 6.74
C PHE A 48 6.57 -1.20 5.43
N VAL A 49 5.75 -0.65 4.53
CA VAL A 49 6.18 -0.14 3.20
C VAL A 49 5.82 1.34 3.04
N ALA A 50 4.57 1.72 3.30
CA ALA A 50 4.10 3.10 3.20
C ALA A 50 2.96 3.41 4.19
N ARG A 51 2.89 4.69 4.60
CA ARG A 51 1.88 5.25 5.51
C ARG A 51 1.19 6.41 4.79
N ILE A 52 -0.07 6.22 4.42
CA ILE A 52 -0.84 7.15 3.57
C ILE A 52 -1.88 7.88 4.41
N SER A 53 -1.73 9.19 4.52
CA SER A 53 -2.62 10.09 5.28
C SER A 53 -3.65 10.75 4.36
N GLY A 54 -4.93 10.67 4.72
CA GLY A 54 -6.04 11.17 3.90
C GLY A 54 -6.16 12.69 3.80
N VAL A 55 -5.47 13.43 4.69
CA VAL A 55 -5.35 14.91 4.65
C VAL A 55 -4.24 15.43 3.72
N GLY A 56 -3.38 14.54 3.21
CA GLY A 56 -2.28 14.91 2.29
C GLY A 56 -1.00 15.43 2.96
N THR A 57 -0.83 15.21 4.28
CA THR A 57 0.29 15.75 5.09
C THR A 57 0.92 14.64 5.96
N ASN A 58 2.24 14.65 6.10
CA ASN A 58 3.03 13.68 6.90
C ASN A 58 2.89 12.21 6.43
N THR A 59 2.94 12.01 5.11
CA THR A 59 3.03 10.69 4.45
C THR A 59 4.46 10.11 4.53
N TYR A 60 4.59 8.77 4.58
CA TYR A 60 5.87 8.04 4.60
C TYR A 60 5.90 6.92 3.54
N TYR A 61 7.08 6.63 2.99
CA TYR A 61 7.33 5.57 2.00
C TYR A 61 8.80 5.08 2.02
N THR A 62 9.07 3.90 1.46
CA THR A 62 10.42 3.29 1.37
C THR A 62 11.35 4.12 0.46
N ASP A 63 12.46 4.62 1.00
CA ASP A 63 13.42 5.46 0.25
C ASP A 63 14.37 4.66 -0.66
N SER A 64 14.52 3.35 -0.44
CA SER A 64 15.39 2.46 -1.25
C SER A 64 14.96 2.33 -2.72
N VAL A 65 13.70 2.67 -3.02
CA VAL A 65 13.12 2.66 -4.38
C VAL A 65 12.86 4.07 -4.96
N LYS A 66 13.27 5.14 -4.25
CA LYS A 66 13.07 6.53 -4.68
C LYS A 66 13.74 6.79 -6.04
N GLY A 67 12.97 7.32 -7.00
CA GLY A 67 13.38 7.53 -8.40
C GLY A 67 13.35 6.28 -9.29
N ARG A 68 13.11 5.09 -8.73
CA ARG A 68 12.96 3.80 -9.46
C ARG A 68 11.48 3.40 -9.64
N VAL A 69 10.62 3.82 -8.72
CA VAL A 69 9.16 3.66 -8.75
C VAL A 69 8.44 5.01 -8.85
N THR A 70 7.19 5.01 -9.34
CA THR A 70 6.27 6.17 -9.26
C THR A 70 5.19 5.90 -8.21
N ILE A 71 4.88 6.91 -7.38
CA ILE A 71 3.80 6.88 -6.39
C ILE A 71 2.87 8.08 -6.66
N SER A 72 1.59 7.81 -6.91
CA SER A 72 0.56 8.82 -7.23
C SER A 72 -0.61 8.72 -6.23
N ARG A 73 -1.01 9.87 -5.70
CA ARG A 73 -2.02 10.02 -4.63
C ARG A 73 -2.90 11.26 -4.91
N ASP A 74 -4.21 11.13 -4.74
CA ASP A 74 -5.19 12.20 -4.99
C ASP A 74 -6.25 12.31 -3.88
N ASN A 75 -6.28 13.45 -3.17
CA ASN A 75 -7.23 13.75 -2.09
C ASN A 75 -8.62 14.22 -2.60
N ALA A 76 -8.75 14.50 -3.91
CA ALA A 76 -10.03 14.80 -4.56
C ALA A 76 -10.79 13.52 -4.97
N LYS A 77 -10.07 12.49 -5.42
CA LYS A 77 -10.61 11.18 -5.85
C LYS A 77 -10.59 10.11 -4.74
N ASN A 78 -9.68 10.24 -3.77
CA ASN A 78 -9.37 9.28 -2.71
C ASN A 78 -8.87 7.94 -3.28
N THR A 79 -7.82 8.02 -4.11
CA THR A 79 -7.20 6.87 -4.81
C THR A 79 -5.67 6.90 -4.75
N VAL A 80 -5.06 5.73 -4.87
CA VAL A 80 -3.61 5.49 -4.77
C VAL A 80 -3.15 4.57 -5.89
N TYR A 81 -2.08 4.94 -6.60
CA TYR A 81 -1.46 4.15 -7.68
C TYR A 81 0.07 4.09 -7.51
N LEU A 82 0.65 2.90 -7.61
CA LEU A 82 2.10 2.64 -7.59
C LEU A 82 2.52 1.95 -8.90
N GLN A 83 3.66 2.33 -9.47
CA GLN A 83 4.23 1.74 -10.68
C GLN A 83 5.68 1.31 -10.45
N MET A 84 6.00 0.05 -10.76
CA MET A 84 7.31 -0.58 -10.51
C MET A 84 7.87 -1.21 -11.79
N ASN A 85 9.17 -1.02 -12.05
CA ASN A 85 9.89 -1.54 -13.22
C ASN A 85 11.16 -2.30 -12.80
N SER A 86 11.61 -3.22 -13.67
CA SER A 86 12.80 -4.07 -13.46
C SER A 86 12.77 -4.83 -12.11
N LEU A 87 11.72 -5.64 -11.91
CA LEU A 87 11.55 -6.48 -10.72
C LEU A 87 12.75 -7.44 -10.52
N LYS A 88 13.10 -7.71 -9.26
CA LYS A 88 14.24 -8.55 -8.83
C LYS A 88 13.86 -9.54 -7.71
N PRO A 89 14.70 -10.54 -7.36
CA PRO A 89 14.38 -11.54 -6.34
C PRO A 89 14.02 -10.96 -4.95
N GLU A 90 14.58 -9.81 -4.56
CA GLU A 90 14.26 -9.13 -3.29
C GLU A 90 12.82 -8.57 -3.24
N ASP A 91 12.14 -8.42 -4.39
CA ASP A 91 10.72 -8.05 -4.49
C ASP A 91 9.75 -9.24 -4.30
N THR A 92 10.26 -10.48 -4.15
CA THR A 92 9.44 -11.69 -3.97
C THR A 92 8.77 -11.71 -2.59
N ALA A 93 7.50 -11.31 -2.55
CA ALA A 93 6.73 -11.16 -1.32
C ALA A 93 5.21 -11.20 -1.58
N VAL A 94 4.42 -11.16 -0.51
CA VAL A 94 3.00 -10.76 -0.56
C VAL A 94 2.86 -9.34 -0.03
N TYR A 95 2.27 -8.44 -0.81
CA TYR A 95 1.95 -7.06 -0.42
C TYR A 95 0.49 -6.96 0.01
N TYR A 96 0.21 -6.19 1.06
CA TYR A 96 -1.13 -5.95 1.60
C TYR A 96 -1.40 -4.44 1.74
N CYS A 97 -2.63 -4.02 1.46
CA CYS A 97 -3.14 -2.69 1.80
C CYS A 97 -4.45 -2.78 2.61
N ALA A 98 -4.59 -1.92 3.62
CA ALA A 98 -5.73 -1.86 4.54
C ALA A 98 -5.99 -0.42 4.98
N ALA A 99 -7.24 -0.11 5.39
CA ALA A 99 -7.63 1.23 5.84
C ALA A 99 -8.24 1.24 7.26
N SER A 100 -7.77 2.13 8.13
CA SER A 100 -8.20 2.28 9.52
C SER A 100 -8.59 3.70 9.91
N ILE A 101 -9.49 3.83 10.90
CA ILE A 101 -9.94 5.11 11.44
C ILE A 101 -8.77 5.82 12.14
N TYR A 102 -8.53 7.10 11.84
CA TYR A 102 -7.46 7.92 12.44
C TYR A 102 -7.80 9.43 12.52
N GLY A 103 -6.97 10.20 13.25
CA GLY A 103 -6.98 11.68 13.25
C GLY A 103 -5.66 12.28 12.72
N TYR A 104 -4.54 11.97 13.38
CA TYR A 104 -3.17 12.30 12.97
C TYR A 104 -2.15 11.31 13.54
N TYR A 105 -1.01 11.08 12.86
CA TYR A 105 0.07 10.20 13.32
C TYR A 105 1.48 10.61 12.85
N SER A 106 2.48 10.10 13.58
CA SER A 106 3.87 9.92 13.12
C SER A 106 4.19 8.47 12.68
N ASP A 107 3.35 7.50 13.06
CA ASP A 107 3.44 6.08 12.71
C ASP A 107 2.02 5.45 12.72
N THR A 108 1.67 4.69 11.69
CA THR A 108 0.38 3.97 11.61
C THR A 108 0.22 2.89 12.69
N SER A 109 1.27 2.54 13.44
CA SER A 109 1.21 1.64 14.59
C SER A 109 0.25 2.08 15.70
N TYR A 110 -0.05 3.39 15.83
CA TYR A 110 -1.07 3.91 16.74
C TYR A 110 -2.52 3.60 16.29
N TYR A 111 -2.70 3.19 15.02
CA TYR A 111 -4.01 2.90 14.38
C TYR A 111 -4.00 1.56 13.62
N THR A 112 -3.16 0.60 14.02
CA THR A 112 -3.02 -0.74 13.39
C THR A 112 -3.79 -1.86 14.12
N ARG A 113 -4.66 -1.49 15.07
CA ARG A 113 -5.55 -2.44 15.77
C ARG A 113 -6.55 -3.07 14.79
N LEU A 114 -6.81 -4.36 14.95
CA LEU A 114 -7.68 -5.13 14.02
C LEU A 114 -9.14 -4.67 14.06
N ASN A 115 -9.59 -4.11 15.19
CA ASN A 115 -10.90 -3.46 15.32
C ASN A 115 -10.98 -2.07 14.66
N ASN A 116 -9.85 -1.35 14.55
CA ASN A 116 -9.78 -0.01 13.96
C ASN A 116 -9.62 -0.06 12.43
N TYR A 117 -9.09 -1.15 11.86
CA TYR A 117 -9.19 -1.43 10.42
C TYR A 117 -10.66 -1.68 10.03
N LEU A 118 -11.19 -0.83 9.15
CA LEU A 118 -12.53 -0.98 8.57
C LEU A 118 -12.54 -2.07 7.48
N TYR A 119 -11.48 -2.13 6.67
CA TYR A 119 -11.32 -3.09 5.58
C TYR A 119 -9.84 -3.47 5.39
N TRP A 120 -9.57 -4.77 5.26
CA TRP A 120 -8.23 -5.37 5.17
C TRP A 120 -8.24 -6.71 4.40
N GLY A 121 -7.07 -7.13 3.91
CA GLY A 121 -6.88 -8.36 3.13
C GLY A 121 -6.63 -8.11 1.65
N GLN A 122 -7.07 -9.04 0.78
CA GLN A 122 -6.95 -8.98 -0.69
C GLN A 122 -5.50 -8.73 -1.17
N GLY A 123 -4.53 -9.36 -0.52
CA GLY A 123 -3.10 -9.18 -0.79
C GLY A 123 -2.65 -9.69 -2.18
N THR A 124 -1.59 -9.08 -2.70
CA THR A 124 -0.97 -9.43 -4.01
C THR A 124 0.35 -10.15 -3.80
N GLN A 125 0.43 -11.42 -4.21
CA GLN A 125 1.68 -12.19 -4.27
C GLN A 125 2.47 -11.86 -5.55
N VAL A 126 3.77 -11.64 -5.43
CA VAL A 126 4.70 -11.37 -6.55
C VAL A 126 5.62 -12.58 -6.74
N THR A 127 5.44 -13.31 -7.85
CA THR A 127 6.24 -14.50 -8.21
C THR A 127 7.36 -14.12 -9.18
N VAL A 128 8.60 -14.18 -8.72
CA VAL A 128 9.81 -13.83 -9.50
C VAL A 128 10.56 -15.12 -9.91
N SER A 129 11.13 -15.12 -11.12
CA SER A 129 11.94 -16.22 -11.68
C SER A 129 13.20 -15.70 -12.38
N SER A 130 14.28 -16.49 -12.36
CA SER A 130 15.66 -16.14 -12.82
C SER A 130 16.17 -14.79 -12.29
N GLN A 2 -17.95 5.02 6.51
CA GLN A 2 -18.72 4.94 5.24
C GLN A 2 -17.77 5.03 4.02
N VAL A 3 -16.89 4.02 3.84
CA VAL A 3 -15.98 3.86 2.69
C VAL A 3 -15.91 2.38 2.24
N GLN A 4 -15.47 2.15 1.01
CA GLN A 4 -15.21 0.80 0.46
C GLN A 4 -13.83 0.74 -0.21
N LEU A 5 -13.00 -0.23 0.19
CA LEU A 5 -11.68 -0.49 -0.39
C LEU A 5 -11.82 -1.47 -1.58
N GLN A 6 -11.30 -1.07 -2.75
CA GLN A 6 -11.32 -1.83 -3.99
C GLN A 6 -9.90 -2.15 -4.49
N GLU A 7 -9.69 -3.39 -4.93
CA GLU A 7 -8.43 -3.89 -5.51
C GLU A 7 -8.56 -4.00 -7.04
N SER A 8 -7.56 -3.51 -7.78
CA SER A 8 -7.50 -3.61 -9.26
C SER A 8 -6.06 -3.59 -9.79
N GLY A 9 -5.88 -3.95 -11.07
CA GLY A 9 -4.58 -3.99 -11.77
C GLY A 9 -3.61 -5.10 -11.35
N GLY A 10 -3.86 -5.80 -10.23
CA GLY A 10 -2.98 -6.80 -9.64
C GLY A 10 -2.71 -8.01 -10.55
N GLY A 11 -1.48 -8.52 -10.51
CA GLY A 11 -1.02 -9.66 -11.30
C GLY A 11 0.35 -10.18 -10.84
N LEU A 12 0.79 -11.29 -11.42
CA LEU A 12 1.99 -12.03 -11.02
C LEU A 12 2.96 -12.12 -12.22
N VAL A 13 4.13 -11.45 -12.13
CA VAL A 13 5.03 -11.21 -13.28
C VAL A 13 6.48 -11.65 -12.99
N GLN A 14 7.10 -12.29 -13.98
CA GLN A 14 8.46 -12.87 -13.91
C GLN A 14 9.59 -11.80 -13.91
N ALA A 15 10.84 -12.24 -13.69
CA ALA A 15 12.00 -11.35 -13.62
C ALA A 15 12.28 -10.65 -14.97
N GLY A 16 12.77 -9.40 -14.89
CA GLY A 16 13.02 -8.53 -16.06
C GLY A 16 11.77 -7.94 -16.72
N GLY A 17 10.57 -8.43 -16.37
CA GLY A 17 9.28 -7.82 -16.72
C GLY A 17 8.93 -6.62 -15.83
N SER A 18 7.74 -6.05 -16.04
CA SER A 18 7.21 -4.91 -15.27
C SER A 18 5.83 -5.20 -14.67
N LEU A 19 5.56 -4.63 -13.50
CA LEU A 19 4.33 -4.78 -12.73
C LEU A 19 3.74 -3.40 -12.37
N ARG A 20 2.41 -3.28 -12.40
CA ARG A 20 1.67 -2.11 -11.90
C ARG A 20 0.60 -2.57 -10.91
N LEU A 21 0.43 -1.81 -9.83
CA LEU A 21 -0.53 -2.08 -8.75
C LEU A 21 -1.36 -0.82 -8.46
N SER A 22 -2.59 -1.00 -7.96
CA SER A 22 -3.42 0.12 -7.50
C SER A 22 -4.41 -0.27 -6.40
N CYS A 23 -4.77 0.73 -5.59
CA CYS A 23 -5.81 0.67 -4.55
C CYS A 23 -6.75 1.86 -4.71
N ALA A 24 -8.05 1.67 -4.51
CA ALA A 24 -9.05 2.73 -4.55
C ALA A 24 -9.96 2.70 -3.31
N ALA A 25 -10.33 3.87 -2.79
CA ALA A 25 -11.25 4.04 -1.66
C ALA A 25 -12.48 4.86 -2.10
N SER A 26 -13.63 4.20 -2.24
CA SER A 26 -14.90 4.86 -2.57
C SER A 26 -15.47 5.62 -1.37
N GLY A 27 -16.19 6.72 -1.62
CA GLY A 27 -16.69 7.65 -0.59
C GLY A 27 -15.69 8.78 -0.26
N ARG A 28 -16.23 9.93 0.16
CA ARG A 28 -15.49 11.21 0.32
C ARG A 28 -14.84 11.42 1.69
N THR A 29 -15.06 10.51 2.65
CA THR A 29 -14.61 10.63 4.05
C THR A 29 -13.19 10.08 4.32
N PHE A 30 -12.32 10.06 3.31
CA PHE A 30 -10.92 9.61 3.43
C PHE A 30 -10.11 10.38 4.50
N SER A 31 -10.49 11.63 4.80
CA SER A 31 -9.88 12.44 5.87
C SER A 31 -10.20 11.97 7.30
N SER A 32 -11.09 10.97 7.47
CA SER A 32 -11.30 10.24 8.73
C SER A 32 -11.03 8.73 8.63
N TYR A 33 -10.61 8.22 7.46
CA TYR A 33 -10.25 6.82 7.21
C TYR A 33 -8.83 6.74 6.64
N ALA A 34 -7.84 6.53 7.52
CA ALA A 34 -6.42 6.49 7.19
C ALA A 34 -6.09 5.35 6.20
N MET A 35 -5.05 5.54 5.38
CA MET A 35 -4.58 4.54 4.43
C MET A 35 -3.10 4.22 4.68
N ALA A 36 -2.76 2.93 4.76
CA ALA A 36 -1.39 2.44 4.96
C ALA A 36 -1.07 1.25 4.05
N TRP A 37 0.21 1.14 3.65
CA TRP A 37 0.73 0.09 2.78
C TRP A 37 1.64 -0.86 3.56
N PHE A 38 1.58 -2.15 3.26
CA PHE A 38 2.35 -3.21 3.94
C PHE A 38 2.91 -4.23 2.93
N ARG A 39 4.04 -4.85 3.27
CA ARG A 39 4.70 -5.88 2.47
C ARG A 39 5.00 -7.12 3.31
N GLN A 40 4.65 -8.30 2.79
CA GLN A 40 4.98 -9.61 3.35
C GLN A 40 6.11 -10.23 2.52
N ALA A 41 7.28 -10.41 3.12
CA ALA A 41 8.42 -11.12 2.52
C ALA A 41 8.48 -12.59 2.99
N PRO A 42 8.99 -13.53 2.18
CA PRO A 42 9.12 -14.93 2.59
C PRO A 42 10.17 -15.10 3.72
N GLY A 43 9.81 -15.86 4.75
CA GLY A 43 10.67 -16.11 5.93
C GLY A 43 10.84 -14.93 6.91
N LYS A 44 10.04 -13.87 6.77
CA LYS A 44 10.04 -12.65 7.59
C LYS A 44 8.61 -12.18 7.90
N GLU A 45 8.42 -11.45 8.99
CA GLU A 45 7.13 -10.83 9.34
C GLU A 45 6.75 -9.67 8.39
N ARG A 46 5.47 -9.27 8.38
CA ARG A 46 5.01 -8.09 7.62
C ARG A 46 5.66 -6.80 8.14
N GLU A 47 5.96 -5.89 7.21
CA GLU A 47 6.52 -4.56 7.51
C GLU A 47 5.68 -3.45 6.88
N PHE A 48 5.63 -2.28 7.53
CA PHE A 48 5.01 -1.07 6.99
C PHE A 48 5.87 -0.47 5.87
N VAL A 49 5.21 0.03 4.82
CA VAL A 49 5.84 0.64 3.63
C VAL A 49 5.53 2.14 3.55
N ALA A 50 4.29 2.54 3.86
CA ALA A 50 3.88 3.95 3.89
C ALA A 50 2.62 4.19 4.75
N ARG A 51 2.42 5.46 5.16
CA ARG A 51 1.18 5.97 5.78
C ARG A 51 0.76 7.30 5.12
N ILE A 52 -0.52 7.45 4.78
CA ILE A 52 -1.08 8.59 4.02
C ILE A 52 -2.25 9.23 4.77
N SER A 53 -2.09 10.50 5.16
CA SER A 53 -3.18 11.33 5.71
C SER A 53 -4.07 11.91 4.59
N GLY A 54 -5.35 12.18 4.89
CA GLY A 54 -6.26 12.89 3.98
C GLY A 54 -5.93 14.38 3.79
N VAL A 55 -5.08 14.95 4.66
CA VAL A 55 -4.53 16.32 4.54
C VAL A 55 -3.37 16.36 3.53
N GLY A 56 -2.66 15.23 3.35
CA GLY A 56 -1.48 15.06 2.50
C GLY A 56 -0.15 15.32 3.21
N THR A 57 -0.16 16.02 4.35
CA THR A 57 1.02 16.32 5.18
C THR A 57 1.28 15.23 6.24
N ASN A 58 2.49 15.20 6.79
CA ASN A 58 2.96 14.18 7.74
C ASN A 58 2.95 12.74 7.15
N THR A 59 3.05 12.64 5.82
CA THR A 59 3.17 11.39 5.05
C THR A 59 4.59 10.83 5.19
N TYR A 60 4.71 9.51 5.35
CA TYR A 60 6.00 8.78 5.39
C TYR A 60 5.97 7.57 4.45
N TYR A 61 7.12 7.26 3.85
CA TYR A 61 7.35 6.10 2.99
C TYR A 61 8.81 5.60 3.07
N THR A 62 9.07 4.34 2.70
CA THR A 62 10.40 3.71 2.76
C THR A 62 11.43 4.43 1.88
N ASP A 63 12.51 4.93 2.48
CA ASP A 63 13.51 5.76 1.79
C ASP A 63 14.39 4.99 0.79
N SER A 64 14.59 3.68 1.02
CA SER A 64 15.34 2.80 0.10
C SER A 64 14.54 2.33 -1.12
N VAL A 65 13.23 2.59 -1.16
CA VAL A 65 12.34 2.30 -2.31
C VAL A 65 12.27 3.48 -3.28
N LYS A 66 12.53 4.71 -2.80
CA LYS A 66 12.63 5.93 -3.62
C LYS A 66 13.67 5.78 -4.73
N GLY A 67 13.29 6.10 -5.96
CA GLY A 67 14.11 5.95 -7.17
C GLY A 67 14.18 4.53 -7.77
N ARG A 68 13.69 3.50 -7.05
CA ARG A 68 13.54 2.12 -7.55
C ARG A 68 12.11 1.75 -7.95
N VAL A 69 11.11 2.39 -7.33
CA VAL A 69 9.67 2.26 -7.62
C VAL A 69 9.05 3.66 -7.75
N THR A 70 8.14 3.84 -8.71
CA THR A 70 7.36 5.09 -8.87
C THR A 70 5.98 4.93 -8.22
N ILE A 71 5.53 5.93 -7.47
CA ILE A 71 4.27 5.91 -6.71
C ILE A 71 3.48 7.22 -6.88
N SER A 72 2.15 7.12 -6.84
CA SER A 72 1.19 8.23 -6.97
C SER A 72 0.04 8.11 -5.97
N ARG A 73 -0.38 9.23 -5.39
CA ARG A 73 -1.49 9.39 -4.43
C ARG A 73 -2.24 10.70 -4.66
N ASP A 74 -3.56 10.70 -4.51
CA ASP A 74 -4.43 11.89 -4.71
C ASP A 74 -5.60 11.95 -3.72
N ASN A 75 -5.71 13.03 -2.95
CA ASN A 75 -6.83 13.25 -2.00
C ASN A 75 -8.11 13.74 -2.69
N ALA A 76 -8.04 14.17 -3.95
CA ALA A 76 -9.22 14.56 -4.75
C ALA A 76 -10.03 13.35 -5.25
N LYS A 77 -9.35 12.23 -5.55
CA LYS A 77 -9.94 10.97 -6.04
C LYS A 77 -9.96 9.84 -5.01
N ASN A 78 -9.07 9.89 -4.02
CA ASN A 78 -8.86 8.86 -2.99
C ASN A 78 -8.41 7.52 -3.60
N THR A 79 -7.40 7.61 -4.47
CA THR A 79 -6.79 6.47 -5.18
C THR A 79 -5.26 6.49 -5.10
N VAL A 80 -4.65 5.31 -5.28
CA VAL A 80 -3.21 5.06 -5.24
C VAL A 80 -2.80 4.21 -6.44
N TYR A 81 -1.66 4.52 -7.05
CA TYR A 81 -1.04 3.75 -8.13
C TYR A 81 0.46 3.56 -7.88
N LEU A 82 1.00 2.40 -8.24
CA LEU A 82 2.42 2.03 -8.13
C LEU A 82 2.91 1.39 -9.44
N GLN A 83 4.15 1.69 -9.83
CA GLN A 83 4.80 1.19 -11.06
C GLN A 83 6.21 0.67 -10.76
N MET A 84 6.47 -0.59 -11.13
CA MET A 84 7.69 -1.35 -10.83
C MET A 84 8.27 -1.94 -12.13
N ASN A 85 9.46 -1.50 -12.54
CA ASN A 85 10.15 -2.00 -13.74
C ASN A 85 11.29 -2.97 -13.36
N SER A 86 11.56 -3.95 -14.24
CA SER A 86 12.62 -4.96 -14.11
C SER A 86 12.60 -5.71 -12.76
N LEU A 87 11.60 -6.57 -12.57
CA LEU A 87 11.41 -7.37 -11.35
C LEU A 87 12.59 -8.35 -11.11
N LYS A 88 12.80 -8.72 -9.83
CA LYS A 88 13.94 -9.52 -9.34
C LYS A 88 13.56 -10.38 -8.11
N PRO A 89 14.34 -11.42 -7.74
CA PRO A 89 14.01 -12.30 -6.60
C PRO A 89 13.90 -11.61 -5.23
N GLU A 90 14.52 -10.44 -5.05
CA GLU A 90 14.34 -9.61 -3.83
C GLU A 90 12.97 -8.94 -3.75
N ASP A 91 12.25 -8.83 -4.87
CA ASP A 91 10.89 -8.28 -4.97
C ASP A 91 9.78 -9.33 -4.79
N THR A 92 10.14 -10.62 -4.66
CA THR A 92 9.20 -11.72 -4.34
C THR A 92 8.54 -11.46 -2.98
N ALA A 93 7.25 -11.16 -3.00
CA ALA A 93 6.48 -10.71 -1.84
C ALA A 93 4.96 -10.87 -2.05
N VAL A 94 4.18 -10.57 -1.02
CA VAL A 94 2.76 -10.25 -1.12
C VAL A 94 2.53 -8.81 -0.66
N TYR A 95 1.95 -7.99 -1.54
CA TYR A 95 1.59 -6.60 -1.24
C TYR A 95 0.19 -6.53 -0.60
N TYR A 96 0.02 -5.65 0.38
CA TYR A 96 -1.27 -5.35 1.02
C TYR A 96 -1.43 -3.83 1.23
N CYS A 97 -2.68 -3.35 1.21
CA CYS A 97 -3.06 -2.06 1.78
C CYS A 97 -4.31 -2.19 2.66
N ALA A 98 -4.34 -1.40 3.75
CA ALA A 98 -5.31 -1.49 4.83
C ALA A 98 -5.71 -0.10 5.34
N ALA A 99 -6.83 -0.03 6.09
CA ALA A 99 -7.39 1.21 6.60
C ALA A 99 -7.93 1.12 8.04
N SER A 100 -8.05 2.29 8.68
CA SER A 100 -8.52 2.47 10.07
C SER A 100 -9.21 3.82 10.26
N ILE A 101 -10.08 3.95 11.27
CA ILE A 101 -10.65 5.26 11.65
C ILE A 101 -9.62 6.13 12.39
N TYR A 102 -9.56 7.43 12.06
CA TYR A 102 -8.66 8.40 12.67
C TYR A 102 -9.19 9.84 12.59
N GLY A 103 -8.52 10.79 13.26
CA GLY A 103 -8.76 12.24 13.15
C GLY A 103 -7.54 13.03 12.66
N TYR A 104 -6.37 12.78 13.27
CA TYR A 104 -5.06 13.32 12.87
C TYR A 104 -3.94 12.30 13.17
N TYR A 105 -2.79 12.42 12.50
CA TYR A 105 -1.63 11.52 12.65
C TYR A 105 -0.82 11.82 13.93
N SER A 106 -1.43 11.50 15.08
CA SER A 106 -0.76 11.50 16.39
C SER A 106 0.09 10.25 16.62
N ASP A 107 -0.49 9.05 16.40
CA ASP A 107 0.12 7.73 16.67
C ASP A 107 -0.41 6.63 15.73
N THR A 108 -0.35 6.86 14.41
CA THR A 108 -0.97 6.03 13.34
C THR A 108 -0.67 4.53 13.44
N SER A 109 0.50 4.16 13.99
CA SER A 109 0.93 2.77 14.22
C SER A 109 -0.02 1.97 15.13
N TYR A 110 -0.72 2.63 16.07
CA TYR A 110 -1.69 1.99 16.97
C TYR A 110 -3.07 1.82 16.32
N TYR A 111 -3.51 2.81 15.54
CA TYR A 111 -4.80 2.79 14.83
C TYR A 111 -4.82 1.75 13.69
N THR A 112 -3.67 1.57 13.00
CA THR A 112 -3.53 0.73 11.80
C THR A 112 -2.54 -0.42 12.02
N ARG A 113 -2.46 -0.94 13.26
CA ARG A 113 -1.54 -2.02 13.66
C ARG A 113 -1.84 -3.33 12.94
N LEU A 114 -0.81 -4.16 12.71
CA LEU A 114 -0.92 -5.48 12.05
C LEU A 114 -1.86 -6.48 12.77
N ASN A 115 -2.18 -6.26 14.05
CA ASN A 115 -3.19 -7.01 14.81
C ASN A 115 -4.53 -6.25 15.05
N ASN A 116 -4.56 -4.92 14.91
CA ASN A 116 -5.74 -4.08 15.22
C ASN A 116 -6.51 -3.60 13.97
N TYR A 117 -5.98 -3.84 12.75
CA TYR A 117 -6.54 -3.39 11.47
C TYR A 117 -8.06 -3.60 11.35
N LEU A 118 -8.76 -2.56 10.87
CA LEU A 118 -10.23 -2.52 10.82
C LEU A 118 -10.80 -2.85 9.43
N TYR A 119 -10.05 -2.55 8.37
CA TYR A 119 -10.41 -2.79 6.96
C TYR A 119 -9.19 -3.27 6.17
N TRP A 120 -9.38 -4.26 5.29
CA TRP A 120 -8.31 -4.94 4.55
C TRP A 120 -8.73 -5.28 3.12
N GLY A 121 -7.77 -5.23 2.18
CA GLY A 121 -7.91 -5.79 0.83
C GLY A 121 -7.53 -7.28 0.74
N GLN A 122 -7.74 -7.89 -0.43
CA GLN A 122 -7.28 -9.26 -0.72
C GLN A 122 -5.75 -9.35 -0.95
N GLY A 123 -5.08 -8.23 -1.23
CA GLY A 123 -3.65 -8.16 -1.53
C GLY A 123 -3.29 -8.58 -2.95
N THR A 124 -2.00 -8.68 -3.25
CA THR A 124 -1.49 -9.20 -4.55
C THR A 124 -0.16 -9.91 -4.36
N GLN A 125 -0.07 -11.16 -4.83
CA GLN A 125 1.14 -11.99 -4.80
C GLN A 125 2.04 -11.70 -6.02
N VAL A 126 3.37 -11.74 -5.83
CA VAL A 126 4.36 -11.50 -6.89
C VAL A 126 5.18 -12.77 -7.16
N THR A 127 4.82 -13.51 -8.22
CA THR A 127 5.49 -14.75 -8.66
C THR A 127 6.66 -14.43 -9.60
N VAL A 128 7.87 -14.37 -9.06
CA VAL A 128 9.12 -14.17 -9.83
C VAL A 128 9.66 -15.51 -10.33
N SER A 129 10.17 -15.53 -11.56
CA SER A 129 10.81 -16.71 -12.20
C SER A 129 11.97 -16.26 -13.10
N SER A 130 13.01 -17.10 -13.21
CA SER A 130 14.28 -16.82 -13.93
C SER A 130 14.15 -16.87 -15.45
N GLN A 2 -20.54 3.59 5.41
CA GLN A 2 -20.13 2.71 4.29
C GLN A 2 -18.64 2.90 3.94
N VAL A 3 -17.97 1.83 3.52
CA VAL A 3 -16.57 1.81 3.05
C VAL A 3 -16.44 0.98 1.76
N GLN A 4 -15.51 1.35 0.88
CA GLN A 4 -15.11 0.54 -0.28
C GLN A 4 -13.59 0.47 -0.41
N LEU A 5 -13.07 -0.66 -0.87
CA LEU A 5 -11.67 -0.86 -1.26
C LEU A 5 -11.58 -1.89 -2.40
N GLN A 6 -10.88 -1.53 -3.47
CA GLN A 6 -10.53 -2.39 -4.60
C GLN A 6 -9.01 -2.45 -4.76
N GLU A 7 -8.47 -3.65 -4.97
CA GLU A 7 -7.03 -3.94 -5.16
C GLU A 7 -6.83 -4.73 -6.46
N SER A 8 -6.14 -4.16 -7.44
CA SER A 8 -6.03 -4.70 -8.81
C SER A 8 -4.78 -4.21 -9.58
N GLY A 9 -4.74 -4.48 -10.89
CA GLY A 9 -3.69 -4.07 -11.82
C GLY A 9 -2.53 -5.06 -12.01
N GLY A 10 -2.24 -5.89 -11.00
CA GLY A 10 -1.10 -6.81 -10.98
C GLY A 10 -1.30 -8.08 -10.15
N GLY A 11 -0.25 -8.89 -10.05
CA GLY A 11 -0.27 -10.22 -9.42
C GLY A 11 1.04 -10.99 -9.59
N LEU A 12 0.94 -12.31 -9.73
CA LEU A 12 2.04 -13.28 -9.77
C LEU A 12 2.87 -13.24 -11.08
N VAL A 13 3.63 -12.14 -11.28
CA VAL A 13 4.47 -11.89 -12.46
C VAL A 13 5.95 -12.27 -12.25
N GLN A 14 6.64 -12.64 -13.33
CA GLN A 14 8.06 -13.01 -13.38
C GLN A 14 9.02 -11.80 -13.39
N ALA A 15 10.31 -12.04 -13.06
CA ALA A 15 11.38 -11.04 -13.13
C ALA A 15 11.72 -10.62 -14.57
N GLY A 16 12.32 -9.44 -14.72
CA GLY A 16 12.60 -8.77 -15.99
C GLY A 16 11.39 -8.08 -16.65
N GLY A 17 10.17 -8.40 -16.20
CA GLY A 17 8.91 -7.76 -16.64
C GLY A 17 8.60 -6.46 -15.89
N SER A 18 7.50 -5.81 -16.32
CA SER A 18 6.88 -4.65 -15.67
C SER A 18 5.57 -5.02 -14.96
N LEU A 19 5.19 -4.23 -13.95
CA LEU A 19 4.02 -4.47 -13.11
C LEU A 19 3.46 -3.14 -12.57
N ARG A 20 2.15 -2.94 -12.65
CA ARG A 20 1.45 -1.78 -12.07
C ARG A 20 0.45 -2.25 -11.00
N LEU A 21 0.45 -1.58 -9.85
CA LEU A 21 -0.45 -1.86 -8.72
C LEU A 21 -1.39 -0.68 -8.51
N SER A 22 -2.66 -0.97 -8.19
CA SER A 22 -3.64 0.04 -7.79
C SER A 22 -4.42 -0.38 -6.54
N CYS A 23 -4.64 0.59 -5.65
CA CYS A 23 -5.58 0.51 -4.54
C CYS A 23 -6.51 1.74 -4.62
N ALA A 24 -7.79 1.51 -4.87
CA ALA A 24 -8.83 2.53 -4.96
C ALA A 24 -9.82 2.37 -3.81
N ALA A 25 -10.14 3.46 -3.12
CA ALA A 25 -10.90 3.44 -1.87
C ALA A 25 -12.01 4.50 -1.81
N SER A 26 -12.96 4.34 -0.87
CA SER A 26 -14.04 5.32 -0.61
C SER A 26 -14.47 5.33 0.86
N GLY A 27 -14.87 6.51 1.34
CA GLY A 27 -15.35 6.79 2.70
C GLY A 27 -16.02 8.17 2.80
N ARG A 28 -16.58 8.49 3.98
CA ARG A 28 -17.37 9.73 4.21
C ARG A 28 -16.54 11.02 4.02
N THR A 29 -15.31 11.02 4.54
CA THR A 29 -14.37 12.15 4.50
C THR A 29 -12.93 11.60 4.42
N PHE A 30 -12.11 12.10 3.49
CA PHE A 30 -10.73 11.61 3.34
C PHE A 30 -9.84 11.98 4.55
N SER A 31 -10.04 13.18 5.13
CA SER A 31 -9.24 13.68 6.27
C SER A 31 -9.30 12.80 7.53
N SER A 32 -10.36 11.99 7.71
CA SER A 32 -10.51 11.02 8.80
C SER A 32 -10.24 9.56 8.41
N TYR A 33 -9.83 9.30 7.15
CA TYR A 33 -9.64 7.97 6.57
C TYR A 33 -8.15 7.71 6.28
N ALA A 34 -7.50 6.92 7.15
CA ALA A 34 -6.11 6.51 6.98
C ALA A 34 -5.99 5.34 5.99
N MET A 35 -4.88 5.31 5.23
CA MET A 35 -4.48 4.22 4.34
C MET A 35 -3.00 3.86 4.56
N ALA A 36 -2.69 2.57 4.66
CA ALA A 36 -1.32 2.09 4.89
C ALA A 36 -0.99 0.81 4.09
N TRP A 37 0.31 0.63 3.77
CA TRP A 37 0.85 -0.47 2.99
C TRP A 37 1.96 -1.21 3.75
N PHE A 38 1.93 -2.54 3.64
CA PHE A 38 2.82 -3.47 4.34
C PHE A 38 3.32 -4.57 3.39
N ARG A 39 4.52 -5.08 3.63
CA ARG A 39 5.19 -6.11 2.80
C ARG A 39 5.58 -7.32 3.64
N GLN A 40 5.28 -8.52 3.15
CA GLN A 40 5.73 -9.79 3.69
C GLN A 40 6.66 -10.49 2.69
N ALA A 41 7.95 -10.58 3.03
CA ALA A 41 8.92 -11.40 2.30
C ALA A 41 9.00 -12.80 2.96
N PRO A 42 8.75 -13.91 2.23
CA PRO A 42 8.79 -15.25 2.79
C PRO A 42 10.13 -15.61 3.46
N GLY A 43 10.08 -16.22 4.64
CA GLY A 43 11.25 -16.55 5.47
C GLY A 43 11.81 -15.39 6.31
N LYS A 44 11.20 -14.20 6.25
CA LYS A 44 11.57 -12.98 7.01
C LYS A 44 10.35 -12.37 7.71
N GLU A 45 10.59 -11.41 8.60
CA GLU A 45 9.55 -10.58 9.23
C GLU A 45 8.91 -9.58 8.23
N ARG A 46 7.70 -9.08 8.57
CA ARG A 46 7.03 -8.03 7.78
C ARG A 46 7.72 -6.67 7.90
N GLU A 47 7.58 -5.84 6.87
CA GLU A 47 8.12 -4.49 6.79
C GLU A 47 7.06 -3.45 6.40
N PHE A 48 7.21 -2.22 6.89
CA PHE A 48 6.38 -1.07 6.52
C PHE A 48 6.77 -0.53 5.14
N VAL A 49 5.80 -0.24 4.26
CA VAL A 49 6.04 0.30 2.91
C VAL A 49 5.75 1.79 2.86
N ALA A 50 4.53 2.19 3.24
CA ALA A 50 4.06 3.57 3.23
C ALA A 50 2.88 3.79 4.19
N ARG A 51 2.74 5.02 4.70
CA ARG A 51 1.64 5.48 5.56
C ARG A 51 1.10 6.81 5.01
N ILE A 52 -0.13 6.80 4.50
CA ILE A 52 -0.77 7.93 3.80
C ILE A 52 -1.85 8.57 4.68
N SER A 53 -1.56 9.80 5.11
CA SER A 53 -2.45 10.68 5.87
C SER A 53 -3.63 11.17 5.01
N GLY A 54 -4.84 11.21 5.60
CA GLY A 54 -6.01 11.89 5.04
C GLY A 54 -5.84 13.41 4.93
N VAL A 55 -5.09 14.02 5.86
CA VAL A 55 -4.77 15.47 5.86
C VAL A 55 -3.66 15.85 4.86
N GLY A 56 -3.00 14.87 4.24
CA GLY A 56 -1.99 15.08 3.19
C GLY A 56 -0.59 15.50 3.66
N THR A 57 -0.34 15.52 4.98
CA THR A 57 0.93 15.92 5.62
C THR A 57 1.38 14.92 6.69
N ASN A 58 2.64 15.01 7.15
CA ASN A 58 3.24 14.10 8.14
C ASN A 58 3.26 12.62 7.67
N THR A 59 3.39 12.41 6.36
CA THR A 59 3.39 11.09 5.69
C THR A 59 4.77 10.42 5.70
N TYR A 60 4.79 9.09 5.52
CA TYR A 60 6.02 8.28 5.46
C TYR A 60 6.00 7.31 4.27
N TYR A 61 7.15 7.17 3.59
CA TYR A 61 7.37 6.28 2.43
C TYR A 61 8.78 5.66 2.50
N THR A 62 8.98 4.53 1.81
CA THR A 62 10.26 3.82 1.76
C THR A 62 11.25 4.49 0.79
N ASP A 63 12.37 4.99 1.29
CA ASP A 63 13.40 5.67 0.47
C ASP A 63 14.18 4.72 -0.46
N SER A 64 14.19 3.43 -0.17
CA SER A 64 14.92 2.40 -0.96
C SER A 64 14.35 2.18 -2.36
N VAL A 65 13.09 2.56 -2.62
CA VAL A 65 12.42 2.45 -3.93
C VAL A 65 12.29 3.78 -4.68
N LYS A 66 12.58 4.91 -4.03
CA LYS A 66 12.57 6.25 -4.65
C LYS A 66 13.61 6.32 -5.78
N GLY A 67 13.19 6.79 -6.95
CA GLY A 67 13.98 6.79 -8.19
C GLY A 67 14.03 5.45 -8.94
N ARG A 68 13.47 4.37 -8.38
CA ARG A 68 13.36 3.04 -9.02
C ARG A 68 11.94 2.71 -9.48
N VAL A 69 10.92 3.18 -8.74
CA VAL A 69 9.49 3.03 -9.05
C VAL A 69 8.79 4.40 -9.09
N THR A 70 7.64 4.48 -9.78
CA THR A 70 6.76 5.65 -9.72
C THR A 70 5.65 5.42 -8.69
N ILE A 71 5.35 6.43 -7.87
CA ILE A 71 4.29 6.40 -6.85
C ILE A 71 3.39 7.63 -7.05
N SER A 72 2.10 7.40 -7.30
CA SER A 72 1.09 8.44 -7.55
C SER A 72 -0.07 8.35 -6.54
N ARG A 73 -0.52 9.50 -6.05
CA ARG A 73 -1.53 9.65 -4.98
C ARG A 73 -2.46 10.85 -5.26
N ASP A 74 -3.74 10.71 -4.94
CA ASP A 74 -4.76 11.74 -5.15
C ASP A 74 -5.71 11.89 -3.95
N ASN A 75 -5.58 13.00 -3.21
CA ASN A 75 -6.35 13.27 -1.99
C ASN A 75 -7.83 13.54 -2.28
N ALA A 76 -8.13 14.11 -3.46
CA ALA A 76 -9.49 14.41 -3.91
C ALA A 76 -10.27 13.17 -4.39
N LYS A 77 -9.55 12.12 -4.82
CA LYS A 77 -10.12 10.87 -5.38
C LYS A 77 -10.09 9.68 -4.42
N ASN A 78 -9.19 9.70 -3.42
CA ASN A 78 -8.90 8.58 -2.51
C ASN A 78 -8.39 7.33 -3.29
N THR A 79 -7.42 7.55 -4.19
CA THR A 79 -6.83 6.53 -5.06
C THR A 79 -5.30 6.58 -5.06
N VAL A 80 -4.66 5.43 -5.13
CA VAL A 80 -3.19 5.26 -5.15
C VAL A 80 -2.77 4.29 -6.24
N TYR A 81 -1.74 4.66 -7.00
CA TYR A 81 -1.20 3.91 -8.13
C TYR A 81 0.33 3.84 -8.07
N LEU A 82 0.90 2.64 -8.23
CA LEU A 82 2.35 2.41 -8.29
C LEU A 82 2.72 1.74 -9.63
N GLN A 83 3.88 2.12 -10.20
CA GLN A 83 4.40 1.55 -11.45
C GLN A 83 5.85 1.07 -11.26
N MET A 84 6.10 -0.19 -11.61
CA MET A 84 7.38 -0.89 -11.42
C MET A 84 7.86 -1.50 -12.75
N ASN A 85 9.16 -1.38 -13.04
CA ASN A 85 9.81 -1.91 -14.25
C ASN A 85 11.07 -2.72 -13.88
N SER A 86 11.42 -3.70 -14.73
CA SER A 86 12.59 -4.58 -14.56
C SER A 86 12.64 -5.26 -13.18
N LEU A 87 11.54 -5.94 -12.82
CA LEU A 87 11.39 -6.65 -11.53
C LEU A 87 12.53 -7.64 -11.26
N LYS A 88 12.93 -7.80 -9.98
CA LYS A 88 14.00 -8.70 -9.51
C LYS A 88 13.50 -9.67 -8.41
N PRO A 89 14.16 -10.83 -8.19
CA PRO A 89 13.79 -11.78 -7.13
C PRO A 89 13.79 -11.18 -5.71
N GLU A 90 14.61 -10.16 -5.45
CA GLU A 90 14.67 -9.49 -4.14
C GLU A 90 13.37 -8.70 -3.81
N ASP A 91 12.56 -8.35 -4.82
CA ASP A 91 11.23 -7.74 -4.66
C ASP A 91 10.07 -8.75 -4.67
N THR A 92 10.32 -10.06 -4.76
CA THR A 92 9.26 -11.09 -4.68
C THR A 92 8.71 -11.14 -3.24
N ALA A 93 7.42 -10.84 -3.07
CA ALA A 93 6.78 -10.62 -1.77
C ALA A 93 5.24 -10.69 -1.88
N VAL A 94 4.55 -10.65 -0.73
CA VAL A 94 3.12 -10.32 -0.66
C VAL A 94 2.96 -8.90 -0.14
N TYR A 95 2.26 -8.05 -0.90
CA TYR A 95 1.88 -6.69 -0.52
C TYR A 95 0.47 -6.68 0.07
N TYR A 96 0.22 -5.86 1.09
CA TYR A 96 -1.10 -5.68 1.71
C TYR A 96 -1.45 -4.19 1.81
N CYS A 97 -2.70 -3.83 1.51
CA CYS A 97 -3.27 -2.49 1.75
C CYS A 97 -4.51 -2.54 2.66
N ALA A 98 -4.58 -1.64 3.63
CA ALA A 98 -5.62 -1.59 4.67
C ALA A 98 -5.97 -0.16 5.09
N ALA A 99 -7.19 0.02 5.61
CA ALA A 99 -7.77 1.31 5.97
C ALA A 99 -8.28 1.35 7.42
N SER A 100 -8.24 2.53 8.06
CA SER A 100 -8.81 2.76 9.40
C SER A 100 -9.29 4.19 9.63
N ILE A 101 -10.14 4.40 10.63
CA ILE A 101 -10.60 5.73 11.06
C ILE A 101 -9.55 6.35 11.97
N TYR A 102 -9.16 7.60 11.71
CA TYR A 102 -8.16 8.36 12.46
C TYR A 102 -8.44 9.88 12.48
N GLY A 103 -7.58 10.67 13.12
CA GLY A 103 -7.62 12.15 13.09
C GLY A 103 -6.30 12.81 12.67
N TYR A 104 -5.19 12.44 13.33
CA TYR A 104 -3.83 12.87 13.00
C TYR A 104 -2.80 11.78 13.35
N TYR A 105 -1.63 11.79 12.71
CA TYR A 105 -0.52 10.83 12.97
C TYR A 105 0.25 11.17 14.27
N SER A 106 -0.44 11.04 15.41
CA SER A 106 0.17 11.04 16.75
C SER A 106 0.90 9.71 17.01
N ASP A 107 0.25 8.58 16.69
CA ASP A 107 0.81 7.23 16.70
C ASP A 107 -0.07 6.26 15.87
N THR A 108 0.38 5.89 14.67
CA THR A 108 -0.41 5.03 13.76
C THR A 108 -0.57 3.59 14.27
N SER A 109 0.35 3.10 15.12
CA SER A 109 0.32 1.73 15.66
C SER A 109 -0.94 1.40 16.47
N TYR A 110 -1.62 2.41 17.02
CA TYR A 110 -2.94 2.27 17.68
C TYR A 110 -4.08 2.07 16.65
N TYR A 111 -4.04 2.82 15.55
CA TYR A 111 -5.05 2.80 14.48
C TYR A 111 -4.86 1.66 13.46
N THR A 112 -3.73 0.94 13.49
CA THR A 112 -3.43 -0.24 12.66
C THR A 112 -3.63 -1.58 13.38
N ARG A 113 -4.29 -1.59 14.55
CA ARG A 113 -4.71 -2.83 15.26
C ARG A 113 -5.76 -3.58 14.44
N LEU A 114 -5.77 -4.91 14.53
CA LEU A 114 -6.62 -5.77 13.68
C LEU A 114 -8.14 -5.53 13.80
N ASN A 115 -8.63 -5.06 14.97
CA ASN A 115 -10.02 -4.63 15.15
C ASN A 115 -10.27 -3.13 14.86
N ASN A 116 -9.21 -2.31 14.81
CA ASN A 116 -9.30 -0.87 14.50
C ASN A 116 -9.20 -0.59 12.98
N TYR A 117 -8.71 -1.54 12.17
CA TYR A 117 -8.95 -1.51 10.72
C TYR A 117 -10.45 -1.55 10.40
N LEU A 118 -10.87 -0.66 9.49
CA LEU A 118 -12.24 -0.56 8.98
C LEU A 118 -12.48 -1.56 7.83
N TYR A 119 -11.49 -1.71 6.94
CA TYR A 119 -11.48 -2.69 5.85
C TYR A 119 -10.04 -2.97 5.37
N TRP A 120 -9.80 -4.15 4.81
CA TRP A 120 -8.49 -4.56 4.23
C TRP A 120 -8.65 -5.54 3.06
N GLY A 121 -7.72 -5.50 2.11
CA GLY A 121 -7.67 -6.43 0.97
C GLY A 121 -7.10 -7.82 1.33
N GLN A 122 -7.23 -8.77 0.41
CA GLN A 122 -6.62 -10.12 0.54
C GLN A 122 -5.09 -10.08 0.37
N GLY A 123 -4.55 -8.99 -0.18
CA GLY A 123 -3.14 -8.82 -0.53
C GLY A 123 -2.79 -9.33 -1.93
N THR A 124 -1.73 -8.78 -2.50
CA THR A 124 -1.21 -9.10 -3.86
C THR A 124 0.14 -9.79 -3.75
N GLN A 125 0.20 -11.06 -4.16
CA GLN A 125 1.45 -11.84 -4.22
C GLN A 125 2.17 -11.63 -5.55
N VAL A 126 3.50 -11.48 -5.49
CA VAL A 126 4.43 -11.44 -6.64
C VAL A 126 5.33 -12.67 -6.60
N THR A 127 5.50 -13.35 -7.73
CA THR A 127 6.08 -14.72 -7.81
C THR A 127 7.12 -14.81 -8.94
N VAL A 128 8.39 -14.59 -8.59
CA VAL A 128 9.53 -14.71 -9.52
C VAL A 128 9.70 -16.13 -10.10
N SER A 129 10.18 -16.21 -11.34
CA SER A 129 10.45 -17.47 -12.08
C SER A 129 11.83 -18.07 -11.77
N SER A 130 12.05 -19.32 -12.20
CA SER A 130 13.33 -20.06 -12.09
C SER A 130 14.40 -19.59 -13.08
N GLN A 2 -21.68 4.96 4.01
CA GLN A 2 -20.83 3.74 3.86
C GLN A 2 -19.43 4.08 3.33
N VAL A 3 -18.48 3.15 3.49
CA VAL A 3 -17.11 3.22 2.94
C VAL A 3 -16.74 1.89 2.27
N GLN A 4 -16.01 1.94 1.16
CA GLN A 4 -15.47 0.77 0.46
C GLN A 4 -13.99 0.97 0.08
N LEU A 5 -13.25 -0.12 -0.10
CA LEU A 5 -11.87 -0.15 -0.61
C LEU A 5 -11.75 -1.21 -1.73
N GLN A 6 -11.23 -0.81 -2.88
CA GLN A 6 -10.95 -1.67 -4.04
C GLN A 6 -9.44 -1.75 -4.29
N GLU A 7 -8.89 -2.96 -4.31
CA GLU A 7 -7.53 -3.26 -4.80
C GLU A 7 -7.59 -3.88 -6.20
N SER A 8 -6.68 -3.46 -7.09
CA SER A 8 -6.53 -4.04 -8.45
C SER A 8 -5.15 -3.74 -9.06
N GLY A 9 -4.91 -4.27 -10.27
CA GLY A 9 -3.69 -4.07 -11.06
C GLY A 9 -2.71 -5.24 -10.94
N GLY A 10 -2.53 -5.97 -12.05
CA GLY A 10 -1.55 -7.05 -12.19
C GLY A 10 -1.69 -8.20 -11.18
N GLY A 11 -0.56 -8.81 -10.82
CA GLY A 11 -0.49 -9.94 -9.89
C GLY A 11 0.83 -10.72 -10.02
N LEU A 12 0.71 -12.05 -10.15
CA LEU A 12 1.82 -13.01 -10.15
C LEU A 12 2.67 -13.01 -11.45
N VAL A 13 3.38 -11.91 -11.71
CA VAL A 13 4.22 -11.69 -12.90
C VAL A 13 5.71 -12.01 -12.68
N GLN A 14 6.39 -12.37 -13.78
CA GLN A 14 7.81 -12.80 -13.81
C GLN A 14 8.83 -11.66 -13.67
N ALA A 15 10.11 -12.02 -13.48
CA ALA A 15 11.24 -11.09 -13.45
C ALA A 15 11.53 -10.44 -14.83
N GLY A 16 12.21 -9.28 -14.80
CA GLY A 16 12.53 -8.44 -15.96
C GLY A 16 11.36 -7.61 -16.51
N GLY A 17 10.12 -7.94 -16.12
CA GLY A 17 8.91 -7.21 -16.48
C GLY A 17 8.58 -6.01 -15.57
N SER A 18 7.47 -5.35 -15.89
CA SER A 18 6.91 -4.21 -15.14
C SER A 18 5.48 -4.51 -14.64
N LEU A 19 5.10 -3.85 -13.55
CA LEU A 19 3.88 -4.14 -12.77
C LEU A 19 3.29 -2.83 -12.21
N ARG A 20 1.95 -2.67 -12.30
CA ARG A 20 1.22 -1.51 -11.75
C ARG A 20 0.10 -1.98 -10.81
N LEU A 21 0.02 -1.34 -9.64
CA LEU A 21 -0.92 -1.61 -8.54
C LEU A 21 -1.75 -0.36 -8.24
N SER A 22 -2.96 -0.53 -7.69
CA SER A 22 -3.74 0.58 -7.11
C SER A 22 -4.61 0.15 -5.92
N CYS A 23 -4.88 1.12 -5.03
CA CYS A 23 -5.95 1.08 -4.03
C CYS A 23 -6.83 2.33 -4.18
N ALA A 24 -8.13 2.14 -4.36
CA ALA A 24 -9.14 3.20 -4.46
C ALA A 24 -10.15 3.09 -3.32
N ALA A 25 -10.42 4.19 -2.63
CA ALA A 25 -11.48 4.29 -1.61
C ALA A 25 -12.73 5.00 -2.15
N SER A 26 -13.89 4.62 -1.64
CA SER A 26 -15.21 5.20 -2.00
C SER A 26 -15.99 5.66 -0.77
N GLY A 27 -16.83 6.70 -0.94
CA GLY A 27 -17.58 7.36 0.14
C GLY A 27 -17.04 8.74 0.55
N ARG A 28 -15.95 9.23 -0.07
CA ARG A 28 -15.31 10.54 0.17
C ARG A 28 -14.83 10.76 1.62
N THR A 29 -14.40 9.69 2.28
CA THR A 29 -13.98 9.67 3.70
C THR A 29 -12.46 9.69 3.92
N PHE A 30 -11.63 9.85 2.87
CA PHE A 30 -10.16 9.75 2.98
C PHE A 30 -9.53 10.79 3.93
N SER A 31 -10.23 11.90 4.23
CA SER A 31 -9.86 12.88 5.27
C SER A 31 -10.03 12.41 6.73
N SER A 32 -10.73 11.29 6.95
CA SER A 32 -10.93 10.63 8.26
C SER A 32 -10.68 9.12 8.24
N TYR A 33 -10.37 8.53 7.09
CA TYR A 33 -9.91 7.15 6.91
C TYR A 33 -8.44 7.13 6.42
N ALA A 34 -7.55 6.56 7.24
CA ALA A 34 -6.12 6.45 6.94
C ALA A 34 -5.85 5.36 5.89
N MET A 35 -4.67 5.43 5.25
CA MET A 35 -4.19 4.43 4.31
C MET A 35 -2.74 4.03 4.63
N ALA A 36 -2.49 2.74 4.80
CA ALA A 36 -1.16 2.20 5.11
C ALA A 36 -0.79 1.01 4.22
N TRP A 37 0.50 0.89 3.89
CA TRP A 37 1.04 -0.16 3.04
C TRP A 37 2.09 -0.99 3.78
N PHE A 38 2.05 -2.31 3.57
CA PHE A 38 2.93 -3.28 4.23
C PHE A 38 3.48 -4.30 3.21
N ARG A 39 4.61 -4.94 3.54
CA ARG A 39 5.26 -5.98 2.72
C ARG A 39 5.57 -7.22 3.55
N GLN A 40 5.43 -8.39 2.93
CA GLN A 40 5.77 -9.70 3.48
C GLN A 40 6.74 -10.43 2.54
N ALA A 41 7.99 -10.60 2.95
CA ALA A 41 9.02 -11.34 2.23
C ALA A 41 9.14 -12.80 2.74
N PRO A 42 9.47 -13.78 1.88
CA PRO A 42 9.60 -15.18 2.28
C PRO A 42 10.76 -15.40 3.25
N GLY A 43 10.52 -16.20 4.30
CA GLY A 43 11.51 -16.52 5.34
C GLY A 43 11.83 -15.38 6.34
N LYS A 44 11.11 -14.26 6.29
CA LYS A 44 11.29 -13.06 7.12
C LYS A 44 9.97 -12.53 7.69
N GLU A 45 10.05 -11.64 8.67
CA GLU A 45 8.90 -10.93 9.25
C GLU A 45 8.36 -9.81 8.32
N ARG A 46 7.11 -9.36 8.58
CA ARG A 46 6.47 -8.25 7.85
C ARG A 46 7.10 -6.89 8.19
N GLU A 47 7.02 -5.95 7.25
CA GLU A 47 7.55 -4.59 7.38
C GLU A 47 6.61 -3.50 6.83
N PHE A 48 6.77 -2.27 7.32
CA PHE A 48 6.07 -1.07 6.84
C PHE A 48 6.65 -0.60 5.49
N VAL A 49 5.80 -0.08 4.60
CA VAL A 49 6.20 0.48 3.29
C VAL A 49 5.84 1.96 3.16
N ALA A 50 4.60 2.33 3.53
CA ALA A 50 4.12 3.70 3.51
C ALA A 50 3.03 3.97 4.56
N ARG A 51 3.02 5.20 5.08
CA ARG A 51 2.04 5.76 6.01
C ARG A 51 1.47 7.03 5.38
N ILE A 52 0.26 6.92 4.80
CA ILE A 52 -0.39 7.99 4.03
C ILE A 52 -1.55 8.60 4.86
N SER A 53 -1.61 9.92 4.88
CA SER A 53 -2.64 10.71 5.56
C SER A 53 -3.55 11.42 4.55
N GLY A 54 -4.80 11.72 4.94
CA GLY A 54 -5.75 12.47 4.11
C GLY A 54 -5.37 13.94 3.92
N VAL A 55 -4.67 14.52 4.90
CA VAL A 55 -4.17 15.91 4.86
C VAL A 55 -2.90 16.06 4.00
N GLY A 56 -2.18 14.96 3.72
CA GLY A 56 -0.94 14.98 2.94
C GLY A 56 0.27 15.53 3.71
N THR A 57 0.25 15.40 5.04
CA THR A 57 1.27 15.91 5.98
C THR A 57 1.60 14.84 7.03
N ASN A 58 2.84 14.85 7.55
CA ASN A 58 3.38 13.90 8.53
C ASN A 58 3.43 12.44 8.03
N THR A 59 3.46 12.26 6.71
CA THR A 59 3.54 10.96 6.01
C THR A 59 4.96 10.38 5.99
N TYR A 60 5.07 9.06 5.81
CA TYR A 60 6.36 8.34 5.68
C TYR A 60 6.34 7.35 4.52
N TYR A 61 7.50 7.18 3.87
CA TYR A 61 7.70 6.27 2.72
C TYR A 61 9.11 5.66 2.75
N THR A 62 9.28 4.42 2.28
CA THR A 62 10.58 3.76 2.14
C THR A 62 11.47 4.48 1.10
N ASP A 63 12.67 4.88 1.49
CA ASP A 63 13.62 5.63 0.63
C ASP A 63 14.56 4.74 -0.20
N SER A 64 14.71 3.46 0.13
CA SER A 64 15.59 2.52 -0.60
C SER A 64 15.07 2.10 -1.98
N VAL A 65 13.78 2.37 -2.28
CA VAL A 65 13.15 2.13 -3.59
C VAL A 65 13.03 3.40 -4.45
N LYS A 66 13.56 4.54 -3.99
CA LYS A 66 13.56 5.82 -4.75
C LYS A 66 14.29 5.65 -6.09
N GLY A 67 13.61 6.00 -7.18
CA GLY A 67 14.09 5.79 -8.56
C GLY A 67 13.92 4.36 -9.12
N ARG A 68 13.43 3.41 -8.32
CA ARG A 68 13.12 2.01 -8.72
C ARG A 68 11.63 1.68 -8.66
N VAL A 69 10.89 2.32 -7.75
CA VAL A 69 9.42 2.31 -7.64
C VAL A 69 8.91 3.76 -7.66
N THR A 70 7.82 4.01 -8.38
CA THR A 70 7.16 5.33 -8.49
C THR A 70 5.76 5.25 -7.90
N ILE A 71 5.35 6.26 -7.13
CA ILE A 71 4.03 6.31 -6.47
C ILE A 71 3.29 7.63 -6.72
N SER A 72 1.96 7.57 -6.77
CA SER A 72 1.06 8.71 -7.01
C SER A 72 -0.19 8.61 -6.12
N ARG A 73 -0.68 9.74 -5.62
CA ARG A 73 -1.87 9.84 -4.75
C ARG A 73 -2.67 11.13 -4.99
N ASP A 74 -3.99 11.06 -4.88
CA ASP A 74 -4.92 12.19 -5.04
C ASP A 74 -6.03 12.18 -3.99
N ASN A 75 -6.03 13.14 -3.06
CA ASN A 75 -7.10 13.33 -2.07
C ASN A 75 -8.43 13.80 -2.72
N ALA A 76 -8.37 14.40 -3.92
CA ALA A 76 -9.55 14.78 -4.71
C ALA A 76 -10.32 13.56 -5.26
N LYS A 77 -9.62 12.44 -5.51
CA LYS A 77 -10.19 11.17 -6.05
C LYS A 77 -10.25 10.02 -5.04
N ASN A 78 -9.54 10.13 -3.91
CA ASN A 78 -9.45 9.14 -2.83
C ASN A 78 -8.68 7.86 -3.24
N THR A 79 -7.70 7.99 -4.14
CA THR A 79 -7.02 6.87 -4.82
C THR A 79 -5.49 6.99 -4.77
N VAL A 80 -4.80 5.84 -4.68
CA VAL A 80 -3.33 5.70 -4.68
C VAL A 80 -2.91 4.67 -5.75
N TYR A 81 -1.84 4.98 -6.49
CA TYR A 81 -1.24 4.13 -7.53
C TYR A 81 0.25 3.88 -7.24
N LEU A 82 0.72 2.65 -7.49
CA LEU A 82 2.11 2.21 -7.37
C LEU A 82 2.57 1.62 -8.72
N GLN A 83 3.79 1.95 -9.15
CA GLN A 83 4.39 1.52 -10.42
C GLN A 83 5.80 0.94 -10.18
N MET A 84 6.04 -0.27 -10.68
CA MET A 84 7.25 -1.08 -10.46
C MET A 84 7.83 -1.58 -11.79
N ASN A 85 9.15 -1.70 -11.89
CA ASN A 85 9.85 -2.15 -13.10
C ASN A 85 11.14 -2.94 -12.76
N SER A 86 11.63 -3.73 -13.74
CA SER A 86 12.84 -4.56 -13.63
C SER A 86 12.83 -5.49 -12.40
N LEU A 87 11.71 -6.19 -12.19
CA LEU A 87 11.50 -7.12 -11.07
C LEU A 87 12.57 -8.24 -11.05
N LYS A 88 12.93 -8.72 -9.85
CA LYS A 88 13.97 -9.74 -9.59
C LYS A 88 13.62 -10.62 -8.37
N PRO A 89 14.29 -11.76 -8.14
CA PRO A 89 13.96 -12.67 -7.02
C PRO A 89 13.97 -12.04 -5.61
N GLU A 90 14.74 -10.96 -5.40
CA GLU A 90 14.76 -10.22 -4.13
C GLU A 90 13.49 -9.38 -3.89
N ASP A 91 12.71 -9.07 -4.94
CA ASP A 91 11.39 -8.41 -4.86
C ASP A 91 10.20 -9.39 -4.78
N THR A 92 10.44 -10.71 -4.75
CA THR A 92 9.39 -11.72 -4.48
C THR A 92 8.79 -11.48 -3.09
N ALA A 93 7.53 -11.06 -3.05
CA ALA A 93 6.82 -10.64 -1.84
C ALA A 93 5.28 -10.67 -2.01
N VAL A 94 4.57 -10.46 -0.90
CA VAL A 94 3.17 -10.01 -0.89
C VAL A 94 3.10 -8.56 -0.39
N TYR A 95 2.35 -7.72 -1.09
CA TYR A 95 2.04 -6.34 -0.73
C TYR A 95 0.61 -6.25 -0.16
N TYR A 96 0.41 -5.51 0.93
CA TYR A 96 -0.90 -5.31 1.57
C TYR A 96 -1.27 -3.84 1.68
N CYS A 97 -2.58 -3.56 1.62
CA CYS A 97 -3.20 -2.24 1.62
C CYS A 97 -4.30 -2.18 2.70
N ALA A 98 -4.10 -1.36 3.73
CA ALA A 98 -4.90 -1.34 4.96
C ALA A 98 -5.58 0.02 5.22
N ALA A 99 -6.81 0.00 5.75
CA ALA A 99 -7.57 1.21 6.09
C ALA A 99 -8.32 1.12 7.45
N SER A 100 -8.44 2.27 8.11
CA SER A 100 -9.02 2.46 9.44
C SER A 100 -9.44 3.92 9.68
N ILE A 101 -10.33 4.16 10.66
CA ILE A 101 -10.72 5.52 11.06
C ILE A 101 -9.57 6.20 11.83
N TYR A 102 -9.31 7.47 11.55
CA TYR A 102 -8.36 8.33 12.28
C TYR A 102 -8.87 9.79 12.42
N GLY A 103 -8.17 10.61 13.20
CA GLY A 103 -8.41 12.05 13.32
C GLY A 103 -7.13 12.81 13.69
N TYR A 104 -6.49 13.41 12.67
CA TYR A 104 -5.12 13.93 12.67
C TYR A 104 -4.03 12.86 12.94
N TYR A 105 -2.85 13.03 12.32
CA TYR A 105 -1.91 11.93 12.06
C TYR A 105 -0.90 11.70 13.21
N SER A 106 -1.42 11.38 14.40
CA SER A 106 -0.65 11.21 15.65
C SER A 106 0.15 9.91 15.70
N ASP A 107 -0.43 8.78 15.27
CA ASP A 107 0.08 7.42 15.48
C ASP A 107 -0.77 6.37 14.74
N THR A 108 -0.86 6.50 13.41
CA THR A 108 -1.67 5.66 12.50
C THR A 108 -1.55 4.15 12.75
N SER A 109 -0.36 3.66 13.15
CA SER A 109 -0.05 2.24 13.38
C SER A 109 -0.91 1.58 14.47
N TYR A 110 -1.47 2.37 15.41
CA TYR A 110 -2.39 1.89 16.45
C TYR A 110 -3.85 1.81 15.98
N TYR A 111 -4.22 2.56 14.93
CA TYR A 111 -5.53 2.50 14.27
C TYR A 111 -5.57 1.40 13.18
N THR A 112 -4.46 1.16 12.47
CA THR A 112 -4.31 0.05 11.49
C THR A 112 -3.91 -1.29 12.13
N ARG A 113 -3.85 -1.35 13.47
CA ARG A 113 -3.51 -2.55 14.27
C ARG A 113 -4.49 -3.70 14.02
N LEU A 114 -4.05 -4.94 14.27
CA LEU A 114 -4.80 -6.19 14.03
C LEU A 114 -6.21 -6.22 14.65
N ASN A 115 -6.39 -5.58 15.81
CA ASN A 115 -7.69 -5.47 16.50
C ASN A 115 -8.52 -4.23 16.10
N ASN A 116 -7.93 -3.26 15.39
CA ASN A 116 -8.48 -1.91 15.18
C ASN A 116 -8.78 -1.56 13.71
N TYR A 117 -8.22 -2.27 12.72
CA TYR A 117 -8.47 -1.99 11.29
C TYR A 117 -9.95 -2.22 10.89
N LEU A 118 -10.41 -1.51 9.85
CA LEU A 118 -11.74 -1.71 9.24
C LEU A 118 -11.67 -2.53 7.95
N TYR A 119 -10.65 -2.29 7.11
CA TYR A 119 -10.43 -3.04 5.87
C TYR A 119 -8.96 -3.48 5.72
N TRP A 120 -8.76 -4.77 5.41
CA TRP A 120 -7.47 -5.42 5.12
C TRP A 120 -7.68 -6.58 4.14
N GLY A 121 -6.59 -7.24 3.72
CA GLY A 121 -6.60 -8.35 2.76
C GLY A 121 -6.51 -7.87 1.31
N GLN A 122 -6.94 -8.72 0.37
CA GLN A 122 -6.78 -8.53 -1.08
C GLN A 122 -5.31 -8.23 -1.46
N GLY A 123 -4.36 -8.89 -0.78
CA GLY A 123 -2.92 -8.66 -0.95
C GLY A 123 -2.40 -9.07 -2.34
N THR A 124 -1.51 -8.27 -2.90
CA THR A 124 -0.91 -8.47 -4.23
C THR A 124 0.36 -9.29 -4.11
N GLN A 125 0.38 -10.53 -4.62
CA GLN A 125 1.55 -11.41 -4.61
C GLN A 125 2.29 -11.36 -5.96
N VAL A 126 3.62 -11.42 -5.94
CA VAL A 126 4.48 -11.46 -7.14
C VAL A 126 5.27 -12.77 -7.18
N THR A 127 5.04 -13.61 -8.20
CA THR A 127 5.73 -14.90 -8.40
C THR A 127 6.78 -14.77 -9.51
N VAL A 128 8.04 -14.58 -9.11
CA VAL A 128 9.19 -14.56 -10.04
C VAL A 128 9.45 -15.96 -10.63
N SER A 129 9.78 -15.99 -11.93
CA SER A 129 10.16 -17.19 -12.69
C SER A 129 11.30 -16.86 -13.68
N SER A 130 12.12 -17.87 -14.01
CA SER A 130 13.34 -17.75 -14.84
C SER A 130 13.14 -18.27 -16.27
N GLN A 2 -21.82 4.40 -0.12
CA GLN A 2 -21.14 5.03 1.05
C GLN A 2 -19.62 4.80 0.99
N VAL A 3 -19.15 3.58 1.27
CA VAL A 3 -17.72 3.16 1.13
C VAL A 3 -17.54 2.34 -0.16
N GLN A 4 -16.40 2.53 -0.84
CA GLN A 4 -16.01 1.77 -2.04
C GLN A 4 -14.55 1.30 -1.95
N LEU A 5 -14.24 0.18 -2.61
CA LEU A 5 -12.89 -0.38 -2.74
C LEU A 5 -12.77 -1.18 -4.05
N GLN A 6 -11.78 -0.84 -4.87
CA GLN A 6 -11.44 -1.46 -6.16
C GLN A 6 -9.94 -1.81 -6.21
N GLU A 7 -9.59 -2.92 -6.86
CA GLU A 7 -8.23 -3.48 -6.91
C GLU A 7 -7.89 -3.93 -8.34
N SER A 8 -6.69 -3.59 -8.83
CA SER A 8 -6.24 -3.91 -10.20
C SER A 8 -4.71 -3.99 -10.34
N GLY A 9 -4.24 -4.33 -11.56
CA GLY A 9 -2.83 -4.52 -11.93
C GLY A 9 -2.33 -5.97 -11.80
N GLY A 10 -3.15 -6.91 -11.32
CA GLY A 10 -2.75 -8.29 -11.06
C GLY A 10 -1.80 -8.39 -9.86
N GLY A 11 -0.62 -8.99 -10.05
CA GLY A 11 0.46 -9.03 -9.05
C GLY A 11 1.48 -10.14 -9.25
N LEU A 12 1.04 -11.31 -9.74
CA LEU A 12 1.83 -12.54 -9.92
C LEU A 12 2.73 -12.50 -11.16
N VAL A 13 3.56 -11.46 -11.25
CA VAL A 13 4.45 -11.13 -12.38
C VAL A 13 5.84 -11.78 -12.23
N GLN A 14 6.42 -12.22 -13.35
CA GLN A 14 7.72 -12.90 -13.44
C GLN A 14 8.92 -11.92 -13.58
N ALA A 15 10.14 -12.43 -13.40
CA ALA A 15 11.37 -11.62 -13.50
C ALA A 15 11.61 -11.08 -14.94
N GLY A 16 12.29 -9.94 -15.02
CA GLY A 16 12.58 -9.21 -16.27
C GLY A 16 11.40 -8.40 -16.84
N GLY A 17 10.17 -8.64 -16.38
CA GLY A 17 8.96 -7.88 -16.75
C GLY A 17 8.76 -6.61 -15.94
N SER A 18 7.70 -5.87 -16.27
CA SER A 18 7.19 -4.73 -15.50
C SER A 18 5.96 -5.11 -14.66
N LEU A 19 5.85 -4.53 -13.46
CA LEU A 19 4.83 -4.83 -12.45
C LEU A 19 4.15 -3.51 -12.03
N ARG A 20 2.84 -3.41 -12.26
CA ARG A 20 2.00 -2.25 -11.92
C ARG A 20 0.94 -2.64 -10.88
N LEU A 21 0.69 -1.78 -9.89
CA LEU A 21 -0.26 -2.01 -8.80
C LEU A 21 -1.16 -0.79 -8.59
N SER A 22 -2.41 -1.01 -8.17
CA SER A 22 -3.31 0.06 -7.76
C SER A 22 -4.33 -0.34 -6.68
N CYS A 23 -4.60 0.60 -5.78
CA CYS A 23 -5.79 0.63 -4.92
C CYS A 23 -6.59 1.90 -5.24
N ALA A 24 -7.90 1.77 -5.42
CA ALA A 24 -8.83 2.89 -5.51
C ALA A 24 -9.96 2.69 -4.50
N ALA A 25 -10.18 3.68 -3.64
CA ALA A 25 -11.17 3.61 -2.56
C ALA A 25 -12.01 4.89 -2.48
N SER A 26 -13.08 4.85 -1.66
CA SER A 26 -13.87 6.02 -1.30
C SER A 26 -14.49 5.87 0.10
N GLY A 27 -14.67 6.99 0.79
CA GLY A 27 -15.32 7.10 2.10
C GLY A 27 -15.93 8.48 2.32
N ARG A 28 -16.64 8.68 3.44
CA ARG A 28 -17.39 9.92 3.73
C ARG A 28 -16.50 11.16 3.81
N THR A 29 -15.32 11.03 4.42
CA THR A 29 -14.33 12.11 4.58
C THR A 29 -12.91 11.51 4.62
N PHE A 30 -12.00 11.97 3.76
CA PHE A 30 -10.61 11.47 3.71
C PHE A 30 -9.80 11.87 4.97
N SER A 31 -10.14 13.00 5.59
CA SER A 31 -9.53 13.48 6.85
C SER A 31 -9.65 12.49 8.03
N SER A 32 -10.66 11.61 8.00
CA SER A 32 -10.77 10.45 8.90
C SER A 32 -10.36 9.14 8.22
N TYR A 33 -10.92 8.81 7.04
CA TYR A 33 -10.68 7.57 6.31
C TYR A 33 -9.26 7.53 5.68
N ALA A 34 -8.29 7.04 6.43
CA ALA A 34 -6.87 6.96 6.06
C ALA A 34 -6.48 5.56 5.53
N MET A 35 -5.38 5.48 4.78
CA MET A 35 -4.88 4.25 4.13
C MET A 35 -3.45 3.89 4.57
N ALA A 36 -3.18 2.61 4.78
CA ALA A 36 -1.85 2.08 5.12
C ALA A 36 -1.46 0.86 4.26
N TRP A 37 -0.15 0.69 4.10
CA TRP A 37 0.48 -0.34 3.27
C TRP A 37 1.57 -1.10 4.04
N PHE A 38 1.53 -2.42 3.93
CA PHE A 38 2.42 -3.36 4.62
C PHE A 38 2.91 -4.45 3.65
N ARG A 39 4.07 -5.05 3.94
CA ARG A 39 4.64 -6.18 3.19
C ARG A 39 5.19 -7.29 4.08
N GLN A 40 5.24 -8.50 3.54
CA GLN A 40 5.91 -9.65 4.15
C GLN A 40 6.73 -10.40 3.09
N ALA A 41 7.95 -10.79 3.45
CA ALA A 41 8.90 -11.50 2.59
C ALA A 41 9.26 -12.88 3.19
N PRO A 42 9.58 -13.90 2.36
CA PRO A 42 9.89 -15.25 2.84
C PRO A 42 11.17 -15.27 3.69
N GLY A 43 11.11 -15.93 4.85
CA GLY A 43 12.22 -16.04 5.81
C GLY A 43 12.53 -14.77 6.62
N LYS A 44 11.64 -13.76 6.60
CA LYS A 44 11.80 -12.46 7.28
C LYS A 44 10.50 -12.01 7.96
N GLU A 45 10.62 -11.14 8.97
CA GLU A 45 9.49 -10.46 9.62
C GLU A 45 8.74 -9.49 8.68
N ARG A 46 7.54 -9.05 9.08
CA ARG A 46 6.75 -8.02 8.36
C ARG A 46 7.45 -6.65 8.38
N GLU A 47 7.25 -5.88 7.31
CA GLU A 47 7.80 -4.53 7.15
C GLU A 47 6.74 -3.51 6.70
N PHE A 48 6.97 -2.24 7.05
CA PHE A 48 6.14 -1.11 6.65
C PHE A 48 6.48 -0.65 5.22
N VAL A 49 5.49 -0.15 4.48
CA VAL A 49 5.66 0.36 3.10
C VAL A 49 5.26 1.84 3.00
N ALA A 50 4.05 2.19 3.43
CA ALA A 50 3.56 3.57 3.46
C ALA A 50 2.41 3.76 4.47
N ARG A 51 2.26 4.99 4.96
CA ARG A 51 1.15 5.47 5.80
C ARG A 51 0.67 6.81 5.23
N ILE A 52 -0.46 6.80 4.53
CA ILE A 52 -0.98 7.97 3.80
C ILE A 52 -1.93 8.75 4.72
N SER A 53 -1.53 9.98 5.06
CA SER A 53 -2.23 10.82 6.03
C SER A 53 -3.51 11.44 5.46
N GLY A 54 -4.61 11.37 6.23
CA GLY A 54 -5.91 11.95 5.85
C GLY A 54 -5.91 13.47 5.73
N VAL A 55 -5.01 14.15 6.45
CA VAL A 55 -4.80 15.61 6.38
C VAL A 55 -3.63 15.99 5.44
N GLY A 56 -3.16 15.04 4.62
CA GLY A 56 -2.09 15.24 3.62
C GLY A 56 -0.73 15.64 4.19
N THR A 57 -0.54 15.50 5.52
CA THR A 57 0.58 16.06 6.29
C THR A 57 1.07 15.01 7.30
N ASN A 58 2.40 14.92 7.50
CA ASN A 58 3.07 13.87 8.30
C ASN A 58 2.92 12.45 7.68
N THR A 59 2.77 12.38 6.35
CA THR A 59 2.76 11.12 5.56
C THR A 59 4.13 10.44 5.58
N TYR A 60 4.16 9.11 5.43
CA TYR A 60 5.38 8.29 5.37
C TYR A 60 5.36 7.29 4.22
N TYR A 61 6.50 7.06 3.59
CA TYR A 61 6.73 6.07 2.53
C TYR A 61 8.23 5.69 2.41
N THR A 62 8.53 4.54 1.82
CA THR A 62 9.90 4.06 1.54
C THR A 62 10.68 5.04 0.66
N ASP A 63 11.81 5.57 1.15
CA ASP A 63 12.63 6.55 0.40
C ASP A 63 13.37 5.97 -0.82
N SER A 64 13.63 4.66 -0.81
CA SER A 64 14.38 3.94 -1.85
C SER A 64 13.68 3.84 -3.21
N VAL A 65 12.42 4.30 -3.32
CA VAL A 65 11.68 4.35 -4.59
C VAL A 65 12.19 5.44 -5.54
N LYS A 66 12.79 6.53 -5.02
CA LYS A 66 13.22 7.69 -5.81
C LYS A 66 14.29 7.31 -6.83
N GLY A 67 14.01 7.56 -8.11
CA GLY A 67 14.86 7.16 -9.24
C GLY A 67 14.88 5.65 -9.55
N ARG A 68 13.98 4.87 -8.94
CA ARG A 68 13.92 3.38 -9.03
C ARG A 68 12.57 2.87 -9.52
N VAL A 69 11.48 3.31 -8.90
CA VAL A 69 10.08 2.97 -9.25
C VAL A 69 9.16 4.20 -9.07
N THR A 70 8.11 4.33 -9.89
CA THR A 70 7.19 5.49 -9.82
C THR A 70 6.09 5.23 -8.80
N ILE A 71 5.83 6.20 -7.92
CA ILE A 71 4.77 6.18 -6.91
C ILE A 71 3.88 7.43 -7.02
N SER A 72 2.56 7.24 -6.98
CA SER A 72 1.55 8.29 -7.08
C SER A 72 0.42 8.07 -6.07
N ARG A 73 -0.05 9.15 -5.45
CA ARG A 73 -1.17 9.17 -4.48
C ARG A 73 -2.04 10.42 -4.65
N ASP A 74 -3.33 10.31 -4.38
CA ASP A 74 -4.32 11.38 -4.55
C ASP A 74 -5.20 11.53 -3.29
N ASN A 75 -5.13 12.68 -2.62
CA ASN A 75 -5.91 12.94 -1.40
C ASN A 75 -7.39 13.28 -1.70
N ALA A 76 -7.66 13.91 -2.85
CA ALA A 76 -9.02 14.28 -3.27
C ALA A 76 -9.82 13.09 -3.86
N LYS A 77 -9.12 12.15 -4.52
CA LYS A 77 -9.72 10.96 -5.16
C LYS A 77 -9.65 9.68 -4.30
N ASN A 78 -8.77 9.66 -3.28
CA ASN A 78 -8.48 8.50 -2.43
C ASN A 78 -7.97 7.29 -3.25
N THR A 79 -7.00 7.56 -4.15
CA THR A 79 -6.39 6.59 -5.08
C THR A 79 -4.87 6.53 -4.94
N VAL A 80 -4.28 5.36 -5.24
CA VAL A 80 -2.83 5.09 -5.16
C VAL A 80 -2.40 4.20 -6.34
N TYR A 81 -1.27 4.52 -6.96
CA TYR A 81 -0.70 3.79 -8.10
C TYR A 81 0.82 3.62 -7.96
N LEU A 82 1.31 2.40 -8.21
CA LEU A 82 2.74 2.02 -8.23
C LEU A 82 3.10 1.44 -9.61
N GLN A 83 4.27 1.77 -10.14
CA GLN A 83 4.80 1.28 -11.42
C GLN A 83 6.28 0.90 -11.28
N MET A 84 6.59 -0.37 -11.52
CA MET A 84 7.92 -0.97 -11.38
C MET A 84 8.38 -1.63 -12.70
N ASN A 85 9.68 -1.62 -12.99
CA ASN A 85 10.26 -2.18 -14.22
C ASN A 85 11.52 -3.03 -13.93
N SER A 86 11.76 -4.05 -14.77
CA SER A 86 12.85 -5.04 -14.62
C SER A 86 12.83 -5.73 -13.25
N LEU A 87 11.72 -6.41 -12.95
CA LEU A 87 11.48 -7.15 -11.71
C LEU A 87 12.57 -8.24 -11.49
N LYS A 88 12.97 -8.48 -10.24
CA LYS A 88 13.96 -9.51 -9.84
C LYS A 88 13.48 -10.31 -8.62
N PRO A 89 14.04 -11.50 -8.31
CA PRO A 89 13.63 -12.30 -7.15
C PRO A 89 13.72 -11.58 -5.79
N GLU A 90 14.54 -10.53 -5.66
CA GLU A 90 14.58 -9.68 -4.46
C GLU A 90 13.25 -8.93 -4.19
N ASP A 91 12.40 -8.75 -5.21
CA ASP A 91 11.05 -8.19 -5.10
C ASP A 91 9.96 -9.22 -4.69
N THR A 92 10.32 -10.49 -4.47
CA THR A 92 9.35 -11.56 -4.14
C THR A 92 8.80 -11.37 -2.71
N ALA A 93 7.58 -10.84 -2.62
CA ALA A 93 6.88 -10.53 -1.38
C ALA A 93 5.35 -10.60 -1.57
N VAL A 94 4.62 -10.48 -0.46
CA VAL A 94 3.17 -10.20 -0.45
C VAL A 94 2.90 -8.83 0.14
N TYR A 95 1.89 -8.12 -0.38
CA TYR A 95 1.54 -6.74 -0.02
C TYR A 95 0.08 -6.61 0.42
N TYR A 96 -0.20 -5.77 1.41
CA TYR A 96 -1.53 -5.52 1.96
C TYR A 96 -1.92 -4.04 1.89
N CYS A 97 -3.19 -3.78 1.61
CA CYS A 97 -3.80 -2.45 1.42
C CYS A 97 -5.03 -2.34 2.35
N ALA A 98 -4.94 -1.52 3.40
CA ALA A 98 -5.91 -1.48 4.52
C ALA A 98 -6.33 -0.05 4.90
N ALA A 99 -7.50 0.09 5.54
CA ALA A 99 -8.11 1.38 5.89
C ALA A 99 -8.60 1.45 7.34
N SER A 100 -8.37 2.59 8.01
CA SER A 100 -8.82 2.90 9.38
C SER A 100 -9.03 4.41 9.59
N ILE A 101 -9.36 4.81 10.82
CA ILE A 101 -9.95 6.12 11.16
C ILE A 101 -9.11 7.00 12.12
N TYR A 102 -7.79 6.87 12.10
CA TYR A 102 -6.86 7.74 12.85
C TYR A 102 -6.74 9.15 12.21
N GLY A 103 -7.62 10.08 12.62
CA GLY A 103 -7.55 11.50 12.25
C GLY A 103 -6.42 12.22 12.97
N TYR A 104 -5.53 12.87 12.19
CA TYR A 104 -4.21 13.39 12.59
C TYR A 104 -3.22 12.32 13.13
N TYR A 105 -1.96 12.39 12.71
CA TYR A 105 -0.92 11.40 13.05
C TYR A 105 -0.22 11.77 14.37
N SER A 106 -0.74 11.24 15.49
CA SER A 106 -0.10 11.31 16.82
C SER A 106 0.70 10.03 17.12
N ASP A 107 0.10 8.85 16.90
CA ASP A 107 0.75 7.54 17.04
C ASP A 107 0.06 6.48 16.16
N THR A 108 0.12 6.68 14.84
CA THR A 108 -0.44 5.76 13.81
C THR A 108 0.04 4.31 13.98
N SER A 109 1.24 4.10 14.53
CA SER A 109 1.81 2.77 14.81
C SER A 109 1.13 2.01 15.97
N TYR A 110 0.29 2.66 16.78
CA TYR A 110 -0.57 2.02 17.79
C TYR A 110 -1.87 1.47 17.17
N TYR A 111 -2.40 2.13 16.14
CA TYR A 111 -3.66 1.80 15.45
C TYR A 111 -3.47 0.74 14.34
N THR A 112 -2.64 -0.27 14.62
CA THR A 112 -2.25 -1.38 13.73
C THR A 112 -2.93 -2.71 14.07
N ARG A 113 -3.80 -2.75 15.08
CA ARG A 113 -4.51 -3.97 15.53
C ARG A 113 -5.54 -4.42 14.48
N LEU A 114 -5.66 -5.73 14.28
CA LEU A 114 -6.52 -6.30 13.23
C LEU A 114 -8.02 -6.04 13.48
N ASN A 115 -8.43 -5.86 14.74
CA ASN A 115 -9.80 -5.45 15.11
C ASN A 115 -10.04 -3.93 14.96
N ASN A 116 -8.99 -3.10 14.88
CA ASN A 116 -9.12 -1.64 14.71
C ASN A 116 -9.39 -1.24 13.24
N TYR A 117 -8.75 -1.93 12.28
CA TYR A 117 -8.95 -1.68 10.85
C TYR A 117 -10.43 -1.84 10.44
N LEU A 118 -10.95 -0.87 9.69
CA LEU A 118 -12.31 -0.86 9.18
C LEU A 118 -12.47 -1.85 8.01
N TYR A 119 -11.43 -2.00 7.18
CA TYR A 119 -11.29 -3.06 6.19
C TYR A 119 -9.82 -3.42 5.92
N TRP A 120 -9.53 -4.72 5.80
CA TRP A 120 -8.19 -5.28 5.52
C TRP A 120 -8.29 -6.67 4.87
N GLY A 121 -7.18 -7.15 4.30
CA GLY A 121 -7.07 -8.47 3.65
C GLY A 121 -6.90 -8.39 2.12
N GLN A 122 -7.25 -9.48 1.42
CA GLN A 122 -7.16 -9.62 -0.05
C GLN A 122 -5.76 -9.27 -0.60
N GLY A 123 -4.71 -9.68 0.12
CA GLY A 123 -3.31 -9.31 -0.17
C GLY A 123 -2.84 -9.70 -1.58
N THR A 124 -2.06 -8.83 -2.20
CA THR A 124 -1.46 -9.05 -3.53
C THR A 124 -0.16 -9.84 -3.40
N GLN A 125 0.06 -10.84 -4.25
CA GLN A 125 1.21 -11.75 -4.16
C GLN A 125 2.08 -11.66 -5.42
N VAL A 126 3.41 -11.51 -5.25
CA VAL A 126 4.39 -11.54 -6.35
C VAL A 126 4.92 -12.97 -6.53
N THR A 127 5.07 -13.42 -7.78
CA THR A 127 5.36 -14.83 -8.14
C THR A 127 6.45 -14.90 -9.20
N VAL A 128 7.71 -14.94 -8.75
CA VAL A 128 8.90 -14.93 -9.62
C VAL A 128 9.07 -16.26 -10.38
N SER A 129 9.66 -16.18 -11.58
CA SER A 129 10.03 -17.33 -12.42
C SER A 129 11.30 -18.05 -11.95
N SER A 130 11.47 -19.32 -12.35
CA SER A 130 12.64 -20.16 -12.06
C SER A 130 13.90 -19.74 -12.83
N GLN A 2 -21.42 7.07 3.40
CA GLN A 2 -21.19 6.27 2.16
C GLN A 2 -19.70 6.23 1.82
N VAL A 3 -19.09 5.04 1.84
CA VAL A 3 -17.70 4.78 1.42
C VAL A 3 -17.65 3.53 0.52
N GLN A 4 -16.83 3.55 -0.54
CA GLN A 4 -16.60 2.44 -1.47
C GLN A 4 -15.11 2.11 -1.59
N LEU A 5 -14.78 0.87 -1.98
CA LEU A 5 -13.42 0.37 -2.21
C LEU A 5 -13.37 -0.60 -3.42
N GLN A 6 -12.31 -0.49 -4.22
CA GLN A 6 -12.00 -1.28 -5.40
C GLN A 6 -10.51 -1.66 -5.44
N GLU A 7 -10.22 -2.88 -5.92
CA GLU A 7 -8.88 -3.41 -6.15
C GLU A 7 -8.62 -3.60 -7.66
N SER A 8 -7.43 -3.23 -8.15
CA SER A 8 -7.04 -3.37 -9.56
C SER A 8 -5.53 -3.47 -9.75
N GLY A 9 -5.10 -4.02 -10.89
CA GLY A 9 -3.69 -4.25 -11.26
C GLY A 9 -2.98 -5.39 -10.50
N GLY A 10 -3.45 -5.75 -9.31
CA GLY A 10 -2.90 -6.82 -8.46
C GLY A 10 -2.74 -8.16 -9.19
N GLY A 11 -1.51 -8.68 -9.20
CA GLY A 11 -1.13 -9.90 -9.92
C GLY A 11 0.31 -10.32 -9.61
N LEU A 12 0.60 -11.60 -9.86
CA LEU A 12 1.87 -12.26 -9.58
C LEU A 12 2.69 -12.45 -10.86
N VAL A 13 3.81 -11.73 -10.98
CA VAL A 13 4.66 -11.67 -12.20
C VAL A 13 6.15 -11.85 -11.88
N GLN A 14 6.87 -12.46 -12.83
CA GLN A 14 8.29 -12.82 -12.72
C GLN A 14 9.26 -11.61 -12.73
N ALA A 15 10.51 -11.87 -12.35
CA ALA A 15 11.62 -10.91 -12.46
C ALA A 15 11.92 -10.53 -13.93
N GLY A 16 12.43 -9.31 -14.12
CA GLY A 16 12.63 -8.67 -15.44
C GLY A 16 11.34 -8.10 -16.08
N GLY A 17 10.17 -8.48 -15.58
CA GLY A 17 8.87 -7.92 -15.97
C GLY A 17 8.53 -6.58 -15.28
N SER A 18 7.34 -6.08 -15.52
CA SER A 18 6.76 -4.87 -14.90
C SER A 18 5.45 -5.18 -14.15
N LEU A 19 5.12 -4.35 -13.15
CA LEU A 19 3.92 -4.50 -12.32
C LEU A 19 3.30 -3.13 -12.00
N ARG A 20 1.98 -3.01 -12.17
CA ARG A 20 1.19 -1.81 -11.86
C ARG A 20 0.09 -2.19 -10.86
N LEU A 21 -0.03 -1.45 -9.75
CA LEU A 21 -0.94 -1.73 -8.63
C LEU A 21 -1.77 -0.49 -8.28
N SER A 22 -3.01 -0.69 -7.84
CA SER A 22 -3.83 0.40 -7.29
C SER A 22 -4.84 -0.06 -6.22
N CYS A 23 -5.06 0.83 -5.25
CA CYS A 23 -6.19 0.79 -4.32
C CYS A 23 -7.03 2.06 -4.57
N ALA A 24 -8.25 1.90 -5.08
CA ALA A 24 -9.15 3.00 -5.43
C ALA A 24 -10.39 2.99 -4.53
N ALA A 25 -10.81 4.15 -4.04
CA ALA A 25 -11.93 4.30 -3.12
C ALA A 25 -12.77 5.55 -3.43
N SER A 26 -13.90 5.68 -2.74
CA SER A 26 -14.80 6.86 -2.83
C SER A 26 -15.23 7.30 -1.43
N GLY A 27 -15.14 8.59 -1.14
CA GLY A 27 -15.56 9.19 0.14
C GLY A 27 -14.80 10.47 0.50
N ARG A 28 -15.51 11.47 1.03
CA ARG A 28 -14.96 12.78 1.45
C ARG A 28 -14.51 12.81 2.92
N THR A 29 -14.95 11.84 3.71
CA THR A 29 -14.60 11.65 5.14
C THR A 29 -13.33 10.83 5.35
N PHE A 30 -12.56 10.54 4.29
CA PHE A 30 -11.30 9.79 4.38
C PHE A 30 -10.22 10.47 5.24
N SER A 31 -10.39 11.76 5.57
CA SER A 31 -9.55 12.49 6.53
C SER A 31 -9.45 11.83 7.93
N SER A 32 -10.41 10.98 8.33
CA SER A 32 -10.37 10.17 9.56
C SER A 32 -10.03 8.68 9.36
N TYR A 33 -9.57 8.29 8.15
CA TYR A 33 -9.07 6.94 7.83
C TYR A 33 -7.60 6.98 7.34
N ALA A 34 -6.71 6.28 8.06
CA ALA A 34 -5.30 6.12 7.74
C ALA A 34 -5.09 4.97 6.75
N MET A 35 -4.25 5.14 5.73
CA MET A 35 -3.91 4.11 4.73
C MET A 35 -2.42 3.74 4.81
N ALA A 36 -2.08 2.46 4.77
CA ALA A 36 -0.70 2.00 4.85
C ALA A 36 -0.42 0.74 4.01
N TRP A 37 0.85 0.55 3.67
CA TRP A 37 1.38 -0.54 2.85
C TRP A 37 2.47 -1.30 3.59
N PHE A 38 2.30 -2.62 3.74
CA PHE A 38 3.21 -3.52 4.44
C PHE A 38 3.62 -4.69 3.54
N ARG A 39 4.69 -5.41 3.88
CA ARG A 39 5.14 -6.63 3.19
C ARG A 39 5.68 -7.71 4.13
N GLN A 40 5.41 -8.97 3.78
CA GLN A 40 5.97 -10.17 4.41
C GLN A 40 6.83 -10.94 3.39
N ALA A 41 8.12 -11.12 3.71
CA ALA A 41 9.10 -11.82 2.88
C ALA A 41 9.56 -13.15 3.53
N PRO A 42 9.90 -14.19 2.74
CA PRO A 42 10.31 -15.49 3.27
C PRO A 42 11.65 -15.43 4.02
N GLY A 43 11.73 -16.10 5.17
CA GLY A 43 12.92 -16.17 6.03
C GLY A 43 13.27 -14.87 6.78
N LYS A 44 12.38 -13.86 6.74
CA LYS A 44 12.57 -12.50 7.32
C LYS A 44 11.32 -12.04 8.08
N GLU A 45 11.48 -10.98 8.89
CA GLU A 45 10.38 -10.34 9.62
C GLU A 45 9.54 -9.41 8.72
N ARG A 46 8.30 -9.12 9.14
CA ARG A 46 7.38 -8.17 8.46
C ARG A 46 7.96 -6.75 8.45
N GLU A 47 7.79 -6.04 7.34
CA GLU A 47 8.33 -4.69 7.11
C GLU A 47 7.26 -3.73 6.57
N PHE A 48 7.37 -2.43 6.86
CA PHE A 48 6.52 -1.38 6.28
C PHE A 48 7.16 -0.79 5.01
N VAL A 49 6.33 -0.46 4.01
CA VAL A 49 6.74 0.04 2.69
C VAL A 49 6.47 1.54 2.55
N ALA A 50 5.25 1.94 2.90
CA ALA A 50 4.77 3.32 2.91
C ALA A 50 3.58 3.49 3.87
N ARG A 51 3.38 4.72 4.37
CA ARG A 51 2.25 5.11 5.22
C ARG A 51 1.77 6.52 4.85
N ILE A 52 0.49 6.67 4.53
CA ILE A 52 -0.11 7.93 4.05
C ILE A 52 -1.32 8.36 4.91
N SER A 53 -1.33 9.64 5.30
CA SER A 53 -2.44 10.24 6.06
C SER A 53 -3.72 10.33 5.22
N GLY A 54 -4.88 10.31 5.88
CA GLY A 54 -6.18 10.52 5.22
C GLY A 54 -6.34 11.90 4.56
N VAL A 55 -5.57 12.89 5.03
CA VAL A 55 -5.50 14.27 4.49
C VAL A 55 -4.53 14.37 3.28
N GLY A 56 -3.71 13.34 3.02
CA GLY A 56 -2.72 13.32 1.93
C GLY A 56 -1.40 14.08 2.21
N THR A 57 -1.21 14.57 3.44
CA THR A 57 -0.02 15.33 3.90
C THR A 57 0.77 14.54 4.96
N ASN A 58 2.02 14.95 5.25
CA ASN A 58 2.89 14.33 6.26
C ASN A 58 3.16 12.83 5.99
N THR A 59 3.21 12.44 4.71
CA THR A 59 3.31 11.04 4.24
C THR A 59 4.75 10.52 4.25
N TYR A 60 4.92 9.19 4.36
CA TYR A 60 6.23 8.51 4.36
C TYR A 60 6.27 7.31 3.41
N TYR A 61 7.43 7.08 2.79
CA TYR A 61 7.74 5.95 1.91
C TYR A 61 9.25 5.61 1.95
N THR A 62 9.64 4.47 1.39
CA THR A 62 11.03 3.94 1.48
C THR A 62 11.99 4.73 0.58
N ASP A 63 12.96 5.43 1.19
CA ASP A 63 13.87 6.37 0.49
C ASP A 63 14.88 5.71 -0.47
N SER A 64 15.26 4.45 -0.23
CA SER A 64 16.17 3.69 -1.11
C SER A 64 15.51 3.23 -2.43
N VAL A 65 14.17 3.29 -2.51
CA VAL A 65 13.37 2.95 -3.70
C VAL A 65 12.89 4.22 -4.44
N LYS A 66 13.09 5.42 -3.87
CA LYS A 66 12.79 6.70 -4.54
C LYS A 66 13.57 6.82 -5.85
N GLY A 67 12.86 7.15 -6.94
CA GLY A 67 13.40 7.18 -8.31
C GLY A 67 13.42 5.81 -9.03
N ARG A 68 13.18 4.70 -8.33
CA ARG A 68 13.03 3.34 -8.88
C ARG A 68 11.55 2.87 -8.96
N VAL A 69 10.64 3.59 -8.31
CA VAL A 69 9.18 3.41 -8.33
C VAL A 69 8.48 4.74 -8.58
N THR A 70 7.33 4.71 -9.26
CA THR A 70 6.41 5.87 -9.35
C THR A 70 5.23 5.65 -8.41
N ILE A 71 4.92 6.65 -7.59
CA ILE A 71 3.81 6.64 -6.62
C ILE A 71 2.93 7.90 -6.79
N SER A 72 1.61 7.70 -6.81
CA SER A 72 0.61 8.77 -6.91
C SER A 72 -0.52 8.56 -5.89
N ARG A 73 -0.95 9.65 -5.23
CA ARG A 73 -1.98 9.66 -4.18
C ARG A 73 -2.78 10.97 -4.20
N ASP A 74 -4.09 10.90 -4.00
CA ASP A 74 -5.01 12.04 -3.99
C ASP A 74 -6.08 11.93 -2.89
N ASN A 75 -6.17 12.93 -2.01
CA ASN A 75 -7.17 12.98 -0.94
C ASN A 75 -8.57 13.38 -1.45
N ALA A 76 -8.65 14.11 -2.57
CA ALA A 76 -9.90 14.59 -3.16
C ALA A 76 -10.63 13.49 -3.96
N LYS A 77 -9.87 12.66 -4.69
CA LYS A 77 -10.39 11.49 -5.44
C LYS A 77 -10.39 10.18 -4.63
N ASN A 78 -9.60 10.12 -3.55
CA ASN A 78 -9.42 8.97 -2.66
C ASN A 78 -8.84 7.75 -3.39
N THR A 79 -7.77 7.96 -4.16
CA THR A 79 -7.12 6.95 -5.01
C THR A 79 -5.60 6.88 -4.80
N VAL A 80 -5.03 5.68 -4.89
CA VAL A 80 -3.58 5.41 -4.82
C VAL A 80 -3.15 4.52 -5.99
N TYR A 81 -2.05 4.90 -6.66
CA TYR A 81 -1.45 4.16 -7.78
C TYR A 81 0.06 3.97 -7.58
N LEU A 82 0.57 2.81 -8.01
CA LEU A 82 1.98 2.41 -7.96
C LEU A 82 2.41 1.77 -9.30
N GLN A 83 3.60 2.09 -9.78
CA GLN A 83 4.22 1.49 -10.97
C GLN A 83 5.67 1.07 -10.70
N MET A 84 5.96 -0.20 -10.96
CA MET A 84 7.28 -0.84 -10.81
C MET A 84 7.73 -1.44 -12.16
N ASN A 85 8.99 -1.22 -12.52
CA ASN A 85 9.62 -1.73 -13.75
C ASN A 85 10.90 -2.52 -13.41
N SER A 86 11.17 -3.60 -14.15
CA SER A 86 12.25 -4.58 -13.91
C SER A 86 12.22 -5.17 -12.49
N LEU A 87 11.21 -6.01 -12.22
CA LEU A 87 11.06 -6.77 -10.98
C LEU A 87 12.28 -7.68 -10.69
N LYS A 88 12.47 -8.03 -9.41
CA LYS A 88 13.63 -8.78 -8.90
C LYS A 88 13.22 -9.80 -7.81
N PRO A 89 14.01 -10.85 -7.53
CA PRO A 89 13.73 -11.81 -6.45
C PRO A 89 13.60 -11.16 -5.07
N GLU A 90 14.25 -10.02 -4.82
CA GLU A 90 14.15 -9.27 -3.56
C GLU A 90 12.77 -8.61 -3.33
N ASP A 91 11.90 -8.54 -4.34
CA ASP A 91 10.47 -8.18 -4.22
C ASP A 91 9.51 -9.38 -4.13
N THR A 92 10.03 -10.61 -3.94
CA THR A 92 9.21 -11.81 -3.70
C THR A 92 8.61 -11.77 -2.29
N ALA A 93 7.39 -11.25 -2.18
CA ALA A 93 6.69 -11.02 -0.93
C ALA A 93 5.16 -11.11 -1.12
N VAL A 94 4.44 -11.18 0.00
CA VAL A 94 3.02 -10.83 0.07
C VAL A 94 2.91 -9.41 0.65
N TYR A 95 2.48 -8.48 -0.19
CA TYR A 95 2.16 -7.11 0.20
C TYR A 95 0.74 -7.02 0.76
N TYR A 96 0.46 -6.05 1.63
CA TYR A 96 -0.86 -5.78 2.22
C TYR A 96 -1.18 -4.28 2.16
N CYS A 97 -2.35 -3.92 1.60
CA CYS A 97 -2.88 -2.55 1.60
C CYS A 97 -4.26 -2.52 2.26
N ALA A 98 -4.41 -1.64 3.26
CA ALA A 98 -5.59 -1.58 4.13
C ALA A 98 -5.72 -0.21 4.82
N ALA A 99 -6.95 0.16 5.21
CA ALA A 99 -7.23 1.42 5.92
C ALA A 99 -7.97 1.23 7.25
N SER A 100 -7.58 2.03 8.24
CA SER A 100 -8.07 1.99 9.63
C SER A 100 -8.48 3.37 10.17
N ILE A 101 -9.38 3.40 11.15
CA ILE A 101 -9.78 4.65 11.83
C ILE A 101 -8.59 5.29 12.56
N TYR A 102 -8.44 6.62 12.47
CA TYR A 102 -7.42 7.41 13.19
C TYR A 102 -7.86 8.88 13.44
N GLY A 103 -7.06 9.63 14.20
CA GLY A 103 -7.25 11.07 14.46
C GLY A 103 -6.17 11.97 13.86
N TYR A 104 -4.89 11.71 14.21
CA TYR A 104 -3.70 12.41 13.69
C TYR A 104 -2.53 11.44 13.49
N TYR A 105 -1.60 11.77 12.58
CA TYR A 105 -0.56 10.86 12.07
C TYR A 105 0.70 10.77 12.96
N SER A 106 0.51 10.63 14.27
CA SER A 106 1.61 10.42 15.24
C SER A 106 2.40 9.15 14.94
N ASP A 107 1.68 8.06 14.63
CA ASP A 107 2.19 6.77 14.12
C ASP A 107 1.01 5.84 13.74
N THR A 108 1.21 4.99 12.73
CA THR A 108 0.24 3.99 12.28
C THR A 108 0.17 2.77 13.19
N SER A 109 1.22 2.49 13.98
CA SER A 109 1.30 1.32 14.87
C SER A 109 0.29 1.32 16.02
N TYR A 110 -0.22 2.50 16.41
CA TYR A 110 -1.33 2.62 17.37
C TYR A 110 -2.68 2.17 16.77
N TYR A 111 -2.86 2.34 15.45
CA TYR A 111 -4.09 2.07 14.69
C TYR A 111 -3.94 0.87 13.71
N THR A 112 -2.98 -0.02 13.94
CA THR A 112 -2.72 -1.22 13.10
C THR A 112 -3.35 -2.52 13.66
N ARG A 113 -4.19 -2.40 14.70
CA ARG A 113 -4.97 -3.53 15.25
C ARG A 113 -6.04 -4.00 14.25
N LEU A 114 -6.27 -5.30 14.15
CA LEU A 114 -7.21 -5.90 13.18
C LEU A 114 -8.68 -5.46 13.36
N ASN A 115 -9.05 -5.00 14.57
CA ASN A 115 -10.38 -4.42 14.85
C ASN A 115 -10.50 -2.95 14.41
N ASN A 116 -9.39 -2.21 14.26
CA ASN A 116 -9.39 -0.82 13.77
C ASN A 116 -9.29 -0.74 12.24
N TYR A 117 -8.78 -1.77 11.55
CA TYR A 117 -8.90 -1.89 10.09
C TYR A 117 -10.35 -2.18 9.67
N LEU A 118 -10.91 -1.31 8.82
CA LEU A 118 -12.27 -1.44 8.26
C LEU A 118 -12.26 -1.77 6.75
N TYR A 119 -11.12 -1.58 6.08
CA TYR A 119 -10.99 -1.66 4.61
C TYR A 119 -9.74 -2.45 4.22
N TRP A 120 -9.86 -3.34 3.23
CA TRP A 120 -8.82 -4.30 2.81
C TRP A 120 -8.88 -4.60 1.30
N GLY A 121 -7.72 -4.93 0.71
CA GLY A 121 -7.59 -5.34 -0.70
C GLY A 121 -7.21 -6.82 -0.92
N GLN A 122 -7.27 -7.66 0.13
CA GLN A 122 -6.74 -9.05 0.17
C GLN A 122 -5.22 -9.15 -0.14
N GLY A 123 -4.48 -8.04 -0.11
CA GLY A 123 -3.07 -7.96 -0.43
C GLY A 123 -2.70 -8.23 -1.90
N THR A 124 -1.40 -8.30 -2.18
CA THR A 124 -0.82 -8.64 -3.49
C THR A 124 0.35 -9.61 -3.30
N GLN A 125 0.24 -10.82 -3.85
CA GLN A 125 1.36 -11.78 -3.94
C GLN A 125 2.23 -11.47 -5.17
N VAL A 126 3.55 -11.62 -5.02
CA VAL A 126 4.53 -11.56 -6.13
C VAL A 126 5.29 -12.90 -6.21
N THR A 127 5.41 -13.46 -7.41
CA THR A 127 5.97 -14.82 -7.64
C THR A 127 7.09 -14.77 -8.69
N VAL A 128 8.33 -14.99 -8.26
CA VAL A 128 9.52 -15.05 -9.12
C VAL A 128 9.67 -16.41 -9.83
N SER A 129 10.35 -16.42 -10.98
CA SER A 129 10.76 -17.62 -11.73
C SER A 129 12.21 -17.53 -12.22
N SER A 130 12.79 -18.68 -12.60
CA SER A 130 14.20 -18.83 -13.01
C SER A 130 14.59 -18.00 -14.25
N GLN A 2 -20.90 5.69 3.91
CA GLN A 2 -20.34 4.39 3.42
C GLN A 2 -18.87 4.56 2.99
N VAL A 3 -18.08 3.48 3.09
CA VAL A 3 -16.71 3.37 2.54
C VAL A 3 -16.59 2.09 1.70
N GLN A 4 -15.81 2.16 0.62
CA GLN A 4 -15.48 1.04 -0.28
C GLN A 4 -13.97 0.98 -0.54
N LEU A 5 -13.44 -0.21 -0.85
CA LEU A 5 -12.03 -0.44 -1.19
C LEU A 5 -11.87 -1.55 -2.25
N GLN A 6 -11.23 -1.20 -3.37
CA GLN A 6 -10.83 -2.10 -4.46
C GLN A 6 -9.30 -2.16 -4.59
N GLU A 7 -8.77 -3.31 -5.01
CA GLU A 7 -7.34 -3.54 -5.26
C GLU A 7 -7.14 -4.17 -6.66
N SER A 8 -6.41 -3.49 -7.56
CA SER A 8 -6.35 -3.83 -8.99
C SER A 8 -5.08 -3.29 -9.70
N GLY A 9 -5.07 -3.33 -11.04
CA GLY A 9 -4.02 -2.78 -11.92
C GLY A 9 -3.01 -3.82 -12.43
N GLY A 10 -2.83 -4.93 -11.72
CA GLY A 10 -1.87 -5.99 -12.04
C GLY A 10 -1.99 -7.22 -11.13
N GLY A 11 -0.92 -8.01 -11.04
CA GLY A 11 -0.88 -9.26 -10.28
C GLY A 11 0.52 -9.88 -10.23
N LEU A 12 0.58 -11.22 -10.30
CA LEU A 12 1.83 -11.99 -10.24
C LEU A 12 2.60 -11.88 -11.58
N VAL A 13 3.76 -11.21 -11.58
CA VAL A 13 4.56 -10.88 -12.77
C VAL A 13 6.06 -11.17 -12.55
N GLN A 14 6.72 -11.70 -13.58
CA GLN A 14 8.09 -12.25 -13.54
C GLN A 14 9.23 -11.22 -13.54
N ALA A 15 10.47 -11.70 -13.37
CA ALA A 15 11.69 -10.86 -13.37
C ALA A 15 11.94 -10.19 -14.74
N GLY A 16 12.57 -9.01 -14.70
CA GLY A 16 12.88 -8.18 -15.88
C GLY A 16 11.67 -7.47 -16.51
N GLY A 17 10.44 -7.85 -16.14
CA GLY A 17 9.19 -7.21 -16.57
C GLY A 17 8.84 -5.97 -15.76
N SER A 18 7.73 -5.31 -16.16
CA SER A 18 7.17 -4.13 -15.50
C SER A 18 5.70 -4.37 -15.11
N LEU A 19 5.29 -3.83 -13.96
CA LEU A 19 3.99 -4.06 -13.34
C LEU A 19 3.53 -2.82 -12.56
N ARG A 20 2.22 -2.55 -12.60
CA ARG A 20 1.57 -1.44 -11.89
C ARG A 20 0.47 -1.99 -10.99
N LEU A 21 0.30 -1.41 -9.81
CA LEU A 21 -0.69 -1.80 -8.79
C LEU A 21 -1.39 -0.55 -8.22
N SER A 22 -2.65 -0.68 -7.80
CA SER A 22 -3.39 0.42 -7.20
C SER A 22 -4.41 -0.01 -6.14
N CYS A 23 -4.70 0.92 -5.23
CA CYS A 23 -5.87 0.88 -4.35
C CYS A 23 -6.81 2.03 -4.71
N ALA A 24 -8.08 1.73 -4.95
CA ALA A 24 -9.14 2.69 -5.26
C ALA A 24 -10.24 2.59 -4.19
N ALA A 25 -10.43 3.67 -3.43
CA ALA A 25 -11.42 3.76 -2.35
C ALA A 25 -12.43 4.88 -2.62
N SER A 26 -13.58 4.82 -1.93
CA SER A 26 -14.68 5.80 -2.03
C SER A 26 -15.17 6.20 -0.64
N GLY A 27 -15.54 7.47 -0.49
CA GLY A 27 -16.08 8.05 0.75
C GLY A 27 -15.77 9.54 0.90
N ARG A 28 -16.77 10.33 1.32
CA ARG A 28 -16.65 11.80 1.51
C ARG A 28 -15.82 12.21 2.74
N THR A 29 -15.63 11.28 3.68
CA THR A 29 -14.89 11.44 4.95
C THR A 29 -13.41 11.01 4.82
N PHE A 30 -12.78 11.28 3.67
CA PHE A 30 -11.38 10.91 3.39
C PHE A 30 -10.39 11.45 4.45
N SER A 31 -10.69 12.60 5.07
CA SER A 31 -9.90 13.21 6.15
C SER A 31 -9.78 12.35 7.42
N SER A 32 -10.72 11.43 7.66
CA SER A 32 -10.77 10.54 8.84
C SER A 32 -10.66 9.04 8.51
N TYR A 33 -10.39 8.68 7.25
CA TYR A 33 -10.05 7.32 6.82
C TYR A 33 -8.65 7.30 6.16
N ALA A 34 -7.64 6.92 6.95
CA ALA A 34 -6.26 6.77 6.48
C ALA A 34 -6.02 5.42 5.75
N MET A 35 -4.92 5.33 5.00
CA MET A 35 -4.57 4.21 4.12
C MET A 35 -3.12 3.77 4.33
N ALA A 36 -2.83 2.46 4.24
CA ALA A 36 -1.46 1.95 4.33
C ALA A 36 -1.20 0.68 3.49
N TRP A 37 0.08 0.49 3.15
CA TRP A 37 0.61 -0.65 2.40
C TRP A 37 1.64 -1.41 3.24
N PHE A 38 1.48 -2.73 3.32
CA PHE A 38 2.35 -3.65 4.06
C PHE A 38 2.89 -4.76 3.15
N ARG A 39 4.08 -5.29 3.47
CA ARG A 39 4.74 -6.39 2.75
C ARG A 39 5.03 -7.56 3.69
N GLN A 40 4.65 -8.76 3.27
CA GLN A 40 5.03 -10.03 3.91
C GLN A 40 5.98 -10.80 2.98
N ALA A 41 7.27 -10.79 3.29
CA ALA A 41 8.31 -11.52 2.57
C ALA A 41 8.55 -12.92 3.20
N PRO A 42 8.92 -13.95 2.41
CA PRO A 42 9.16 -15.30 2.92
C PRO A 42 10.39 -15.35 3.84
N GLY A 43 10.27 -16.03 4.98
CA GLY A 43 11.35 -16.17 5.98
C GLY A 43 11.70 -14.90 6.78
N LYS A 44 10.86 -13.87 6.71
CA LYS A 44 11.06 -12.55 7.35
C LYS A 44 9.75 -12.01 7.96
N GLU A 45 9.85 -11.13 8.96
CA GLU A 45 8.70 -10.44 9.57
C GLU A 45 8.04 -9.41 8.62
N ARG A 46 6.79 -9.02 8.91
CA ARG A 46 6.04 -8.00 8.15
C ARG A 46 6.74 -6.64 8.22
N GLU A 47 6.75 -5.90 7.11
CA GLU A 47 7.42 -4.61 6.97
C GLU A 47 6.51 -3.58 6.28
N PHE A 48 6.54 -2.32 6.72
CA PHE A 48 5.65 -1.26 6.23
C PHE A 48 6.24 -0.55 4.99
N VAL A 49 5.43 -0.41 3.93
CA VAL A 49 5.85 0.13 2.62
C VAL A 49 5.50 1.61 2.47
N ALA A 50 4.28 1.97 2.85
CA ALA A 50 3.81 3.36 2.90
C ALA A 50 2.66 3.53 3.90
N ARG A 51 2.57 4.70 4.53
CA ARG A 51 1.46 5.13 5.40
C ARG A 51 0.99 6.53 4.97
N ILE A 52 -0.27 6.62 4.56
CA ILE A 52 -0.87 7.80 3.91
C ILE A 52 -2.03 8.31 4.79
N SER A 53 -1.77 9.45 5.44
CA SER A 53 -2.70 10.19 6.31
C SER A 53 -3.95 10.65 5.54
N GLY A 54 -5.10 10.70 6.22
CA GLY A 54 -6.37 11.13 5.61
C GLY A 54 -6.34 12.57 5.08
N VAL A 55 -5.65 13.47 5.78
CA VAL A 55 -5.54 14.91 5.42
C VAL A 55 -4.41 15.26 4.43
N GLY A 56 -3.59 14.28 4.02
CA GLY A 56 -2.49 14.46 3.06
C GLY A 56 -1.24 15.18 3.61
N THR A 57 -1.06 15.18 4.94
CA THR A 57 0.09 15.78 5.66
C THR A 57 0.77 14.73 6.56
N ASN A 58 2.10 14.75 6.65
CA ASN A 58 2.92 13.83 7.46
C ASN A 58 2.92 12.37 6.95
N THR A 59 2.85 12.19 5.63
CA THR A 59 2.99 10.91 4.91
C THR A 59 4.40 10.32 5.05
N TYR A 60 4.54 8.98 5.07
CA TYR A 60 5.83 8.28 4.99
C TYR A 60 5.80 7.12 3.98
N TYR A 61 6.95 6.83 3.36
CA TYR A 61 7.17 5.74 2.39
C TYR A 61 8.62 5.24 2.42
N THR A 62 8.87 4.04 1.87
CA THR A 62 10.22 3.43 1.78
C THR A 62 11.16 4.26 0.90
N ASP A 63 12.24 4.78 1.50
CA ASP A 63 13.26 5.58 0.78
C ASP A 63 14.21 4.71 -0.08
N SER A 64 14.41 3.44 0.29
CA SER A 64 15.32 2.50 -0.37
C SER A 64 14.96 2.17 -1.83
N VAL A 65 13.71 2.44 -2.25
CA VAL A 65 13.20 2.21 -3.62
C VAL A 65 13.05 3.49 -4.44
N LYS A 66 13.47 4.66 -3.92
CA LYS A 66 13.43 5.94 -4.64
C LYS A 66 14.23 5.87 -5.95
N GLY A 67 13.62 6.30 -7.06
CA GLY A 67 14.17 6.20 -8.42
C GLY A 67 14.04 4.82 -9.09
N ARG A 68 13.57 3.79 -8.35
CA ARG A 68 13.31 2.42 -8.85
C ARG A 68 11.81 2.07 -8.88
N VAL A 69 11.05 2.61 -7.92
CA VAL A 69 9.59 2.46 -7.78
C VAL A 69 8.95 3.84 -7.63
N THR A 70 7.89 4.10 -8.39
CA THR A 70 7.10 5.34 -8.29
C THR A 70 5.88 5.11 -7.38
N ILE A 71 5.60 6.05 -6.48
CA ILE A 71 4.44 6.05 -5.58
C ILE A 71 3.67 7.38 -5.78
N SER A 72 2.41 7.29 -6.17
CA SER A 72 1.50 8.43 -6.42
C SER A 72 0.23 8.30 -5.60
N ARG A 73 -0.26 9.42 -5.03
CA ARG A 73 -1.42 9.46 -4.11
C ARG A 73 -2.29 10.70 -4.35
N ASP A 74 -3.60 10.53 -4.19
CA ASP A 74 -4.60 11.61 -4.27
C ASP A 74 -5.65 11.47 -3.16
N ASN A 75 -5.68 12.42 -2.22
CA ASN A 75 -6.63 12.43 -1.10
C ASN A 75 -8.04 12.86 -1.55
N ALA A 76 -8.14 13.78 -2.52
CA ALA A 76 -9.42 14.24 -3.07
C ALA A 76 -10.17 13.15 -3.89
N LYS A 77 -9.40 12.25 -4.52
CA LYS A 77 -9.91 11.06 -5.24
C LYS A 77 -9.89 9.77 -4.40
N ASN A 78 -9.28 9.81 -3.21
CA ASN A 78 -9.11 8.70 -2.25
C ASN A 78 -8.49 7.45 -2.90
N THR A 79 -7.34 7.60 -3.55
CA THR A 79 -6.68 6.51 -4.31
C THR A 79 -5.15 6.62 -4.33
N VAL A 80 -4.48 5.48 -4.51
CA VAL A 80 -3.02 5.34 -4.51
C VAL A 80 -2.58 4.42 -5.66
N TYR A 81 -1.55 4.80 -6.41
CA TYR A 81 -1.00 4.08 -7.55
C TYR A 81 0.52 3.86 -7.38
N LEU A 82 0.99 2.65 -7.62
CA LEU A 82 2.39 2.24 -7.57
C LEU A 82 2.86 1.69 -8.93
N GLN A 83 4.09 2.01 -9.33
CA GLN A 83 4.70 1.52 -10.58
C GLN A 83 6.08 0.92 -10.33
N MET A 84 6.30 -0.32 -10.76
CA MET A 84 7.53 -1.11 -10.59
C MET A 84 8.06 -1.61 -11.94
N ASN A 85 9.38 -1.63 -12.12
CA ASN A 85 10.05 -2.08 -13.35
C ASN A 85 11.36 -2.84 -13.06
N SER A 86 11.79 -3.67 -14.00
CA SER A 86 13.01 -4.52 -13.91
C SER A 86 13.06 -5.36 -12.62
N LEU A 87 11.96 -6.04 -12.29
CA LEU A 87 11.80 -6.79 -11.04
C LEU A 87 12.81 -7.94 -10.89
N LYS A 88 13.10 -8.34 -9.65
CA LYS A 88 14.12 -9.34 -9.24
C LYS A 88 13.60 -10.27 -8.13
N PRO A 89 14.22 -11.44 -7.89
CA PRO A 89 13.75 -12.41 -6.88
C PRO A 89 13.64 -11.86 -5.45
N GLU A 90 14.45 -10.87 -5.06
CA GLU A 90 14.41 -10.24 -3.74
C GLU A 90 13.09 -9.47 -3.47
N ASP A 91 12.35 -9.08 -4.52
CA ASP A 91 11.01 -8.49 -4.41
C ASP A 91 9.85 -9.52 -4.37
N THR A 92 10.15 -10.82 -4.29
CA THR A 92 9.14 -11.88 -4.12
C THR A 92 8.52 -11.79 -2.71
N ALA A 93 7.27 -11.31 -2.64
CA ALA A 93 6.52 -11.10 -1.40
C ALA A 93 5.00 -11.09 -1.68
N VAL A 94 4.19 -10.97 -0.62
CA VAL A 94 2.77 -10.64 -0.71
C VAL A 94 2.53 -9.22 -0.17
N TYR A 95 1.91 -8.37 -0.97
CA TYR A 95 1.51 -7.01 -0.60
C TYR A 95 0.08 -7.01 -0.04
N TYR A 96 -0.17 -6.18 0.97
CA TYR A 96 -1.49 -5.99 1.59
C TYR A 96 -1.86 -4.50 1.67
N CYS A 97 -3.11 -4.19 1.33
CA CYS A 97 -3.70 -2.85 1.37
C CYS A 97 -4.85 -2.82 2.40
N ALA A 98 -4.78 -1.91 3.36
CA ALA A 98 -5.71 -1.84 4.50
C ALA A 98 -5.98 -0.40 4.96
N ALA A 99 -7.17 -0.19 5.55
CA ALA A 99 -7.67 1.11 6.02
C ALA A 99 -8.45 1.01 7.34
N SER A 100 -8.42 2.10 8.11
CA SER A 100 -9.06 2.27 9.43
C SER A 100 -9.45 3.73 9.69
N ILE A 101 -10.36 3.96 10.64
CA ILE A 101 -10.70 5.31 11.10
C ILE A 101 -9.54 5.95 11.89
N TYR A 102 -8.92 6.97 11.31
CA TYR A 102 -7.87 7.79 11.92
C TYR A 102 -7.75 9.13 11.16
N GLY A 103 -7.55 10.23 11.90
CA GLY A 103 -7.46 11.59 11.36
C GLY A 103 -6.08 11.96 10.79
N TYR A 104 -5.61 13.17 11.10
CA TYR A 104 -4.24 13.61 10.87
C TYR A 104 -3.23 12.78 11.71
N TYR A 105 -2.06 12.46 11.13
CA TYR A 105 -1.05 11.58 11.75
C TYR A 105 -0.25 12.31 12.86
N SER A 106 -0.82 12.35 14.05
CA SER A 106 -0.14 12.72 15.31
C SER A 106 0.61 11.54 15.96
N ASP A 107 0.03 10.34 15.93
CA ASP A 107 0.67 9.09 16.41
C ASP A 107 0.06 7.82 15.76
N THR A 108 0.59 7.44 14.60
CA THR A 108 0.11 6.32 13.76
C THR A 108 0.27 4.92 14.42
N SER A 109 0.91 4.83 15.60
CA SER A 109 1.08 3.58 16.36
C SER A 109 -0.26 2.86 16.67
N TYR A 110 -1.33 3.62 16.93
CA TYR A 110 -2.67 3.07 17.16
C TYR A 110 -3.36 2.61 15.86
N TYR A 111 -3.13 3.31 14.75
CA TYR A 111 -3.64 2.93 13.42
C TYR A 111 -2.99 1.64 12.90
N THR A 112 -1.67 1.49 13.06
CA THR A 112 -0.90 0.36 12.51
C THR A 112 -1.02 -0.95 13.33
N ARG A 113 -1.67 -0.89 14.50
CA ARG A 113 -1.95 -2.04 15.39
C ARG A 113 -2.73 -3.12 14.64
N LEU A 114 -2.34 -4.39 14.85
CA LEU A 114 -2.81 -5.53 14.04
C LEU A 114 -4.32 -5.83 14.19
N ASN A 115 -4.94 -5.43 15.31
CA ASN A 115 -6.37 -5.60 15.58
C ASN A 115 -7.24 -4.36 15.22
N ASN A 116 -6.64 -3.25 14.75
CA ASN A 116 -7.34 -1.99 14.47
C ASN A 116 -7.91 -1.89 13.03
N TYR A 117 -7.76 -2.91 12.18
CA TYR A 117 -8.27 -2.89 10.80
C TYR A 117 -9.81 -2.79 10.73
N LEU A 118 -10.34 -1.99 9.79
CA LEU A 118 -11.77 -1.94 9.44
C LEU A 118 -12.03 -2.48 8.02
N TYR A 119 -11.20 -2.09 7.05
CA TYR A 119 -11.29 -2.49 5.65
C TYR A 119 -9.95 -3.08 5.15
N TRP A 120 -10.03 -4.15 4.37
CA TRP A 120 -8.88 -4.95 3.92
C TRP A 120 -9.12 -5.58 2.54
N GLY A 121 -8.10 -5.56 1.68
CA GLY A 121 -8.08 -6.34 0.43
C GLY A 121 -7.54 -7.76 0.62
N GLN A 122 -7.78 -8.64 -0.36
CA GLN A 122 -7.23 -10.02 -0.37
C GLN A 122 -5.69 -10.06 -0.43
N GLY A 123 -5.06 -8.96 -0.84
CA GLY A 123 -3.61 -8.83 -1.05
C GLY A 123 -3.17 -9.29 -2.45
N THR A 124 -2.03 -8.76 -2.90
CA THR A 124 -1.41 -9.06 -4.19
C THR A 124 -0.17 -9.92 -3.99
N GLN A 125 -0.21 -11.16 -4.50
CA GLN A 125 0.94 -12.06 -4.54
C GLN A 125 1.88 -11.73 -5.71
N VAL A 126 3.18 -11.97 -5.53
CA VAL A 126 4.22 -11.82 -6.57
C VAL A 126 4.90 -13.18 -6.80
N THR A 127 5.10 -13.55 -8.07
CA THR A 127 5.73 -14.82 -8.48
C THR A 127 6.85 -14.53 -9.49
N VAL A 128 8.10 -14.78 -9.08
CA VAL A 128 9.30 -14.46 -9.86
C VAL A 128 9.95 -15.74 -10.41
N SER A 129 10.32 -15.73 -11.70
CA SER A 129 10.99 -16.83 -12.40
C SER A 129 12.48 -16.96 -12.05
N SER A 130 13.03 -18.18 -12.19
CA SER A 130 14.45 -18.52 -11.99
C SER A 130 15.35 -18.24 -13.20
N GLN A 2 -15.83 11.55 0.40
CA GLN A 2 -16.56 10.25 0.46
C GLN A 2 -15.87 9.15 -0.39
N VAL A 3 -14.67 8.70 0.03
CA VAL A 3 -13.80 7.76 -0.73
C VAL A 3 -12.92 6.85 0.18
N GLN A 4 -13.31 5.56 0.33
CA GLN A 4 -12.63 4.51 1.12
C GLN A 4 -11.67 3.67 0.26
N LEU A 5 -10.38 3.61 0.63
CA LEU A 5 -9.35 2.93 -0.19
C LEU A 5 -9.51 1.39 -0.25
N GLN A 6 -9.44 0.84 -1.46
CA GLN A 6 -9.48 -0.58 -1.81
C GLN A 6 -8.50 -0.89 -2.96
N GLU A 7 -7.89 -2.08 -2.99
CA GLU A 7 -7.00 -2.50 -4.09
C GLU A 7 -7.72 -3.21 -5.26
N SER A 8 -7.15 -3.13 -6.46
CA SER A 8 -7.48 -4.01 -7.60
C SER A 8 -6.32 -4.07 -8.61
N GLY A 9 -6.17 -5.19 -9.31
CA GLY A 9 -5.07 -5.46 -10.25
C GLY A 9 -3.74 -5.86 -9.59
N GLY A 10 -2.90 -6.59 -10.35
CA GLY A 10 -1.67 -7.24 -9.86
C GLY A 10 -1.87 -8.71 -9.50
N GLY A 11 -0.76 -9.43 -9.31
CA GLY A 11 -0.75 -10.87 -9.03
C GLY A 11 0.63 -11.52 -9.13
N LEU A 12 0.63 -12.85 -9.37
CA LEU A 12 1.78 -13.76 -9.33
C LEU A 12 2.72 -13.62 -10.56
N VAL A 13 3.15 -12.39 -10.86
CA VAL A 13 3.89 -12.00 -12.07
C VAL A 13 5.37 -12.44 -12.01
N GLN A 14 5.86 -12.99 -13.12
CA GLN A 14 7.22 -13.52 -13.30
C GLN A 14 8.32 -12.44 -13.48
N ALA A 15 9.59 -12.83 -13.31
CA ALA A 15 10.74 -11.98 -13.58
C ALA A 15 10.92 -11.66 -15.08
N GLY A 16 11.64 -10.55 -15.36
CA GLY A 16 11.82 -9.99 -16.71
C GLY A 16 10.62 -9.19 -17.25
N GLY A 17 9.43 -9.38 -16.67
CA GLY A 17 8.22 -8.63 -16.97
C GLY A 17 8.07 -7.33 -16.18
N SER A 18 6.93 -6.66 -16.37
CA SER A 18 6.48 -5.48 -15.62
C SER A 18 5.25 -5.76 -14.77
N LEU A 19 5.08 -5.00 -13.68
CA LEU A 19 3.99 -5.13 -12.71
C LEU A 19 3.41 -3.74 -12.40
N ARG A 20 2.11 -3.58 -12.66
CA ARG A 20 1.32 -2.39 -12.28
C ARG A 20 0.38 -2.74 -11.12
N LEU A 21 0.32 -1.86 -10.13
CA LEU A 21 -0.55 -1.97 -8.95
C LEU A 21 -1.37 -0.68 -8.79
N SER A 22 -2.56 -0.76 -8.22
CA SER A 22 -3.35 0.44 -7.89
C SER A 22 -4.32 0.22 -6.73
N CYS A 23 -4.69 1.32 -6.09
CA CYS A 23 -5.80 1.39 -5.15
C CYS A 23 -6.75 2.54 -5.53
N ALA A 24 -8.05 2.27 -5.53
CA ALA A 24 -9.13 3.21 -5.85
C ALA A 24 -10.15 3.25 -4.68
N ALA A 25 -11.12 4.17 -4.73
CA ALA A 25 -11.93 4.46 -3.54
C ALA A 25 -13.36 4.99 -3.77
N SER A 26 -14.29 4.58 -2.89
CA SER A 26 -15.72 4.94 -2.89
C SER A 26 -16.35 4.85 -1.48
N GLY A 27 -17.20 5.81 -1.09
CA GLY A 27 -17.91 5.85 0.23
C GLY A 27 -17.03 6.19 1.43
N ARG A 28 -17.63 6.54 2.59
CA ARG A 28 -16.96 6.94 3.88
C ARG A 28 -15.99 8.13 3.80
N THR A 29 -15.67 8.75 4.93
CA THR A 29 -14.88 10.00 4.97
C THR A 29 -13.37 9.73 5.06
N PHE A 30 -12.58 10.19 4.08
CA PHE A 30 -11.12 9.96 4.06
C PHE A 30 -10.36 10.69 5.18
N SER A 31 -10.93 11.77 5.74
CA SER A 31 -10.35 12.49 6.89
C SER A 31 -10.29 11.64 8.17
N SER A 32 -11.24 10.71 8.37
CA SER A 32 -11.37 9.87 9.57
C SER A 32 -10.97 8.38 9.38
N TYR A 33 -10.49 8.01 8.19
CA TYR A 33 -9.88 6.70 7.91
C TYR A 33 -8.46 6.89 7.35
N ALA A 34 -7.45 6.26 7.96
CA ALA A 34 -6.07 6.26 7.48
C ALA A 34 -5.88 5.30 6.30
N MET A 35 -4.79 5.51 5.53
CA MET A 35 -4.32 4.58 4.48
C MET A 35 -2.84 4.26 4.72
N ALA A 36 -2.45 2.99 4.62
CA ALA A 36 -1.08 2.54 4.83
C ALA A 36 -0.72 1.32 3.96
N TRP A 37 0.58 1.15 3.70
CA TRP A 37 1.14 0.03 2.95
C TRP A 37 2.23 -0.70 3.75
N PHE A 38 2.22 -2.03 3.63
CA PHE A 38 3.16 -2.94 4.29
C PHE A 38 3.67 -3.99 3.30
N ARG A 39 4.83 -4.57 3.62
CA ARG A 39 5.49 -5.60 2.79
C ARG A 39 5.97 -6.77 3.64
N GLN A 40 5.66 -7.98 3.19
CA GLN A 40 6.30 -9.23 3.64
C GLN A 40 7.34 -9.68 2.61
N ALA A 41 8.50 -10.14 3.07
CA ALA A 41 9.57 -10.71 2.25
C ALA A 41 10.00 -12.09 2.81
N PRO A 42 10.43 -13.04 1.95
CA PRO A 42 10.80 -14.39 2.40
C PRO A 42 12.01 -14.38 3.34
N GLY A 43 11.90 -15.10 4.47
CA GLY A 43 12.93 -15.18 5.51
C GLY A 43 13.10 -13.93 6.39
N LYS A 44 12.17 -12.97 6.32
CA LYS A 44 12.18 -11.69 7.07
C LYS A 44 10.80 -11.36 7.67
N GLU A 45 10.77 -10.57 8.73
CA GLU A 45 9.54 -10.03 9.33
C GLU A 45 8.88 -8.96 8.41
N ARG A 46 7.59 -8.67 8.65
CA ARG A 46 6.85 -7.61 7.94
C ARG A 46 7.40 -6.22 8.28
N GLU A 47 7.40 -5.33 7.29
CA GLU A 47 7.82 -3.93 7.41
C GLU A 47 6.77 -2.97 6.83
N PHE A 48 6.70 -1.75 7.35
CA PHE A 48 5.92 -0.66 6.76
C PHE A 48 6.64 -0.08 5.53
N VAL A 49 5.86 0.35 4.53
CA VAL A 49 6.33 0.98 3.28
C VAL A 49 6.01 2.47 3.29
N ALA A 50 4.75 2.83 3.59
CA ALA A 50 4.31 4.21 3.77
C ALA A 50 3.05 4.31 4.65
N ARG A 51 2.83 5.48 5.24
CA ARG A 51 1.65 5.83 6.05
C ARG A 51 1.14 7.22 5.63
N ILE A 52 -0.09 7.28 5.15
CA ILE A 52 -0.72 8.47 4.57
C ILE A 52 -1.75 9.05 5.55
N SER A 53 -1.67 10.36 5.74
CA SER A 53 -2.58 11.15 6.58
C SER A 53 -3.77 11.65 5.76
N GLY A 54 -4.99 11.27 6.15
CA GLY A 54 -6.23 11.69 5.49
C GLY A 54 -6.45 13.21 5.46
N VAL A 55 -5.92 13.94 6.45
CA VAL A 55 -5.96 15.42 6.50
C VAL A 55 -4.86 16.10 5.66
N GLY A 56 -3.94 15.33 5.07
CA GLY A 56 -2.81 15.84 4.29
C GLY A 56 -1.68 16.47 5.12
N THR A 57 -1.60 16.11 6.40
CA THR A 57 -0.64 16.69 7.38
C THR A 57 0.07 15.59 8.17
N ASN A 58 1.41 15.61 8.16
CA ASN A 58 2.33 14.65 8.81
C ASN A 58 2.26 13.24 8.20
N THR A 59 3.17 12.93 7.26
CA THR A 59 3.20 11.68 6.46
C THR A 59 4.59 11.03 6.42
N TYR A 60 4.64 9.72 6.17
CA TYR A 60 5.88 8.92 6.17
C TYR A 60 5.96 7.98 4.96
N TYR A 61 7.14 7.91 4.34
CA TYR A 61 7.44 7.09 3.15
C TYR A 61 8.86 6.48 3.26
N THR A 62 9.08 5.33 2.60
CA THR A 62 10.38 4.63 2.59
C THR A 62 11.24 5.10 1.41
N ASP A 63 12.40 5.71 1.69
CA ASP A 63 13.33 6.19 0.66
C ASP A 63 14.14 5.07 -0.02
N SER A 64 14.20 3.87 0.57
CA SER A 64 14.95 2.71 0.03
C SER A 64 14.44 2.20 -1.32
N VAL A 65 13.19 2.52 -1.69
CA VAL A 65 12.58 2.19 -3.01
C VAL A 65 12.52 3.38 -3.98
N LYS A 66 12.96 4.58 -3.56
CA LYS A 66 12.95 5.80 -4.39
C LYS A 66 13.90 5.62 -5.59
N GLY A 67 13.38 5.88 -6.79
CA GLY A 67 14.09 5.65 -8.07
C GLY A 67 14.11 4.18 -8.55
N ARG A 68 13.65 3.22 -7.72
CA ARG A 68 13.49 1.79 -8.09
C ARG A 68 12.06 1.48 -8.54
N VAL A 69 11.07 2.17 -7.97
CA VAL A 69 9.64 2.07 -8.31
C VAL A 69 9.03 3.46 -8.51
N THR A 70 7.95 3.56 -9.30
CA THR A 70 7.18 4.80 -9.47
C THR A 70 5.93 4.76 -8.58
N ILE A 71 5.71 5.83 -7.80
CA ILE A 71 4.51 6.05 -6.96
C ILE A 71 3.78 7.34 -7.36
N SER A 72 2.45 7.28 -7.42
CA SER A 72 1.56 8.42 -7.70
C SER A 72 0.29 8.33 -6.85
N ARG A 73 -0.09 9.42 -6.16
CA ARG A 73 -1.26 9.49 -5.26
C ARG A 73 -1.92 10.87 -5.26
N ASP A 74 -3.23 10.89 -5.02
CA ASP A 74 -4.04 12.11 -4.81
C ASP A 74 -5.06 11.92 -3.67
N ASN A 75 -4.99 12.75 -2.63
CA ASN A 75 -5.89 12.68 -1.46
C ASN A 75 -7.31 13.22 -1.75
N ALA A 76 -7.47 14.06 -2.77
CA ALA A 76 -8.77 14.64 -3.17
C ALA A 76 -9.74 13.58 -3.73
N LYS A 77 -9.20 12.56 -4.42
CA LYS A 77 -9.94 11.39 -4.94
C LYS A 77 -9.66 10.09 -4.15
N ASN A 78 -8.67 10.12 -3.24
CA ASN A 78 -8.11 8.98 -2.53
C ASN A 78 -7.73 7.82 -3.50
N THR A 79 -7.02 8.16 -4.58
CA THR A 79 -6.66 7.23 -5.66
C THR A 79 -5.14 7.17 -5.85
N VAL A 80 -4.62 5.98 -6.19
CA VAL A 80 -3.19 5.64 -6.17
C VAL A 80 -2.83 4.69 -7.31
N TYR A 81 -1.71 4.97 -7.99
CA TYR A 81 -1.14 4.13 -9.05
C TYR A 81 0.37 3.91 -8.84
N LEU A 82 0.80 2.65 -8.98
CA LEU A 82 2.18 2.17 -8.86
C LEU A 82 2.62 1.47 -10.15
N GLN A 83 3.87 1.68 -10.56
CA GLN A 83 4.45 1.08 -11.76
C GLN A 83 5.88 0.57 -11.49
N MET A 84 6.15 -0.67 -11.91
CA MET A 84 7.43 -1.38 -11.75
C MET A 84 7.77 -2.15 -13.04
N ASN A 85 9.05 -2.22 -13.40
CA ASN A 85 9.54 -2.91 -14.60
C ASN A 85 10.87 -3.66 -14.35
N SER A 86 11.19 -4.61 -15.23
CA SER A 86 12.37 -5.49 -15.14
C SER A 86 12.46 -6.22 -13.77
N LEU A 87 11.36 -6.83 -13.34
CA LEU A 87 11.24 -7.54 -12.07
C LEU A 87 12.33 -8.64 -11.95
N LYS A 88 12.96 -8.78 -10.78
CA LYS A 88 14.02 -9.77 -10.48
C LYS A 88 13.70 -10.63 -9.24
N PRO A 89 14.43 -11.75 -8.97
CA PRO A 89 14.18 -12.63 -7.83
C PRO A 89 14.24 -11.95 -6.45
N GLU A 90 14.97 -10.83 -6.32
CA GLU A 90 15.03 -10.04 -5.08
C GLU A 90 13.77 -9.19 -4.80
N ASP A 91 12.91 -8.99 -5.81
CA ASP A 91 11.63 -8.27 -5.66
C ASP A 91 10.45 -9.11 -5.16
N THR A 92 10.63 -10.43 -4.96
CA THR A 92 9.55 -11.32 -4.50
C THR A 92 9.07 -10.95 -3.09
N ALA A 93 7.76 -10.70 -2.98
CA ALA A 93 7.14 -10.11 -1.80
C ALA A 93 5.62 -10.34 -1.77
N VAL A 94 4.99 -9.99 -0.65
CA VAL A 94 3.55 -9.70 -0.58
C VAL A 94 3.37 -8.23 -0.18
N TYR A 95 2.69 -7.44 -1.02
CA TYR A 95 2.31 -6.06 -0.73
C TYR A 95 0.89 -6.00 -0.16
N TYR A 96 0.65 -5.21 0.88
CA TYR A 96 -0.66 -5.09 1.55
C TYR A 96 -1.22 -3.67 1.45
N CYS A 97 -2.50 -3.55 1.06
CA CYS A 97 -3.26 -2.29 0.96
C CYS A 97 -4.46 -2.34 1.93
N ALA A 98 -4.51 -1.42 2.89
CA ALA A 98 -5.43 -1.46 4.03
C ALA A 98 -5.87 -0.06 4.50
N ALA A 99 -7.05 0.04 5.12
CA ALA A 99 -7.61 1.28 5.68
C ALA A 99 -8.39 1.06 6.99
N SER A 100 -8.18 1.92 7.97
CA SER A 100 -8.71 1.82 9.35
C SER A 100 -9.14 3.17 9.93
N ILE A 101 -10.12 3.16 10.85
CA ILE A 101 -10.61 4.37 11.52
C ILE A 101 -9.50 4.97 12.40
N TYR A 102 -9.30 6.29 12.32
CA TYR A 102 -8.37 7.05 13.17
C TYR A 102 -8.78 8.54 13.33
N GLY A 103 -8.07 9.30 14.17
CA GLY A 103 -8.27 10.74 14.38
C GLY A 103 -7.42 11.64 13.45
N TYR A 104 -6.86 12.72 13.99
CA TYR A 104 -5.67 13.37 13.43
C TYR A 104 -4.44 12.43 13.55
N TYR A 105 -3.41 12.61 12.71
CA TYR A 105 -2.20 11.78 12.76
C TYR A 105 -1.35 12.11 14.00
N SER A 106 -1.55 11.34 15.07
CA SER A 106 -0.71 11.34 16.29
C SER A 106 0.33 10.20 16.22
N ASP A 107 -0.15 8.96 16.08
CA ASP A 107 0.60 7.75 15.76
C ASP A 107 -0.34 6.67 15.22
N THR A 108 -0.26 6.40 13.91
CA THR A 108 -1.11 5.41 13.23
C THR A 108 -0.81 3.97 13.66
N SER A 109 0.32 3.69 14.31
CA SER A 109 0.69 2.35 14.82
C SER A 109 -0.37 1.73 15.75
N TYR A 110 -1.08 2.56 16.52
CA TYR A 110 -2.20 2.15 17.38
C TYR A 110 -3.43 1.66 16.58
N TYR A 111 -3.64 2.24 15.39
CA TYR A 111 -4.75 1.95 14.48
C TYR A 111 -4.41 0.90 13.39
N THR A 112 -3.16 0.42 13.36
CA THR A 112 -2.63 -0.65 12.49
C THR A 112 -2.99 -2.07 13.00
N ARG A 113 -3.69 -2.21 14.13
CA ARG A 113 -4.19 -3.51 14.64
C ARG A 113 -5.04 -4.24 13.58
N LEU A 114 -4.85 -5.55 13.44
CA LEU A 114 -5.49 -6.34 12.37
C LEU A 114 -7.02 -6.37 12.46
N ASN A 115 -7.57 -6.33 13.69
CA ASN A 115 -9.02 -6.23 13.93
C ASN A 115 -9.57 -4.79 13.76
N ASN A 116 -8.72 -3.77 13.72
CA ASN A 116 -9.08 -2.36 13.47
C ASN A 116 -9.07 -1.99 11.98
N TYR A 117 -8.54 -2.83 11.09
CA TYR A 117 -8.67 -2.66 9.65
C TYR A 117 -10.08 -3.05 9.18
N LEU A 118 -10.91 -2.03 8.92
CA LEU A 118 -12.27 -2.18 8.39
C LEU A 118 -12.26 -2.66 6.93
N TYR A 119 -11.23 -2.26 6.15
CA TYR A 119 -11.05 -2.62 4.75
C TYR A 119 -9.61 -3.09 4.47
N TRP A 120 -9.47 -4.25 3.81
CA TRP A 120 -8.19 -4.90 3.51
C TRP A 120 -8.29 -5.77 2.25
N GLY A 121 -7.25 -5.76 1.42
CA GLY A 121 -7.18 -6.52 0.16
C GLY A 121 -6.70 -7.99 0.27
N GLN A 122 -6.44 -8.48 1.49
CA GLN A 122 -5.77 -9.76 1.78
C GLN A 122 -4.33 -9.89 1.22
N GLY A 123 -3.76 -8.79 0.71
CA GLY A 123 -2.43 -8.72 0.09
C GLY A 123 -2.33 -9.23 -1.35
N THR A 124 -1.31 -8.74 -2.07
CA THR A 124 -0.95 -9.12 -3.45
C THR A 124 0.45 -9.75 -3.43
N GLN A 125 0.52 -11.06 -3.60
CA GLN A 125 1.78 -11.82 -3.71
C GLN A 125 2.37 -11.72 -5.13
N VAL A 126 3.70 -11.67 -5.23
CA VAL A 126 4.48 -11.70 -6.48
C VAL A 126 5.46 -12.87 -6.46
N THR A 127 5.45 -13.71 -7.50
CA THR A 127 6.14 -15.02 -7.53
C THR A 127 7.00 -15.19 -8.79
N VAL A 128 8.29 -15.46 -8.60
CA VAL A 128 9.29 -15.62 -9.68
C VAL A 128 9.24 -17.01 -10.34
N SER A 129 9.56 -17.08 -11.63
CA SER A 129 9.66 -18.32 -12.42
C SER A 129 11.05 -18.99 -12.32
N SER A 130 11.12 -20.30 -12.61
CA SER A 130 12.36 -21.10 -12.59
C SER A 130 13.33 -20.76 -13.73
N GLN A 2 -20.16 2.79 5.30
CA GLN A 2 -19.29 3.95 5.68
C GLN A 2 -18.35 4.32 4.51
N VAL A 3 -17.32 3.51 4.24
CA VAL A 3 -16.45 3.61 3.03
C VAL A 3 -16.43 2.30 2.25
N GLN A 4 -16.00 2.35 0.98
CA GLN A 4 -15.76 1.18 0.13
C GLN A 4 -14.31 1.20 -0.40
N LEU A 5 -13.71 0.03 -0.60
CA LEU A 5 -12.38 -0.16 -1.23
C LEU A 5 -12.47 -1.12 -2.43
N GLN A 6 -11.57 -0.95 -3.40
CA GLN A 6 -11.33 -1.86 -4.52
C GLN A 6 -9.81 -2.05 -4.74
N GLU A 7 -9.35 -3.30 -4.78
CA GLU A 7 -7.96 -3.68 -5.15
C GLU A 7 -7.92 -4.17 -6.61
N SER A 8 -7.06 -3.57 -7.43
CA SER A 8 -6.99 -3.79 -8.88
C SER A 8 -5.53 -3.80 -9.41
N GLY A 9 -5.34 -4.35 -10.61
CA GLY A 9 -4.03 -4.48 -11.28
C GLY A 9 -3.09 -5.55 -10.70
N GLY A 10 -3.42 -6.13 -9.54
CA GLY A 10 -2.62 -7.15 -8.85
C GLY A 10 -2.36 -8.38 -9.72
N GLY A 11 -1.10 -8.81 -9.78
CA GLY A 11 -0.63 -9.90 -10.63
C GLY A 11 0.82 -10.31 -10.33
N LEU A 12 1.21 -11.48 -10.84
CA LEU A 12 2.49 -12.15 -10.59
C LEU A 12 3.24 -12.40 -11.91
N VAL A 13 4.46 -11.87 -12.03
CA VAL A 13 5.28 -11.90 -13.25
C VAL A 13 6.79 -11.95 -12.95
N GLN A 14 7.56 -12.52 -13.89
CA GLN A 14 8.99 -12.85 -13.76
C GLN A 14 9.94 -11.63 -13.75
N ALA A 15 11.23 -11.88 -13.47
CA ALA A 15 12.27 -10.85 -13.42
C ALA A 15 12.44 -10.10 -14.74
N GLY A 16 12.76 -8.81 -14.67
CA GLY A 16 12.83 -7.90 -15.83
C GLY A 16 11.45 -7.47 -16.40
N GLY A 17 10.36 -8.07 -15.92
CA GLY A 17 8.98 -7.66 -16.24
C GLY A 17 8.53 -6.40 -15.50
N SER A 18 7.36 -5.88 -15.87
CA SER A 18 6.71 -4.72 -15.25
C SER A 18 5.32 -5.04 -14.71
N LEU A 19 4.91 -4.31 -13.67
CA LEU A 19 3.66 -4.50 -12.92
C LEU A 19 3.05 -3.14 -12.52
N ARG A 20 1.73 -2.99 -12.68
CA ARG A 20 0.97 -1.79 -12.30
C ARG A 20 -0.12 -2.16 -11.28
N LEU A 21 -0.11 -1.49 -10.12
CA LEU A 21 -0.99 -1.77 -8.98
C LEU A 21 -1.89 -0.57 -8.70
N SER A 22 -3.12 -0.81 -8.22
CA SER A 22 -4.02 0.26 -7.80
C SER A 22 -4.95 -0.15 -6.65
N CYS A 23 -5.23 0.82 -5.78
CA CYS A 23 -6.30 0.74 -4.79
C CYS A 23 -7.14 2.02 -4.87
N ALA A 24 -8.44 1.87 -5.13
CA ALA A 24 -9.41 2.95 -5.20
C ALA A 24 -10.37 2.90 -4.01
N ALA A 25 -10.91 4.05 -3.60
CA ALA A 25 -11.80 4.17 -2.46
C ALA A 25 -12.98 5.14 -2.71
N SER A 26 -14.05 4.97 -1.94
CA SER A 26 -15.28 5.79 -1.99
C SER A 26 -15.77 6.17 -0.60
N GLY A 27 -16.39 7.35 -0.48
CA GLY A 27 -16.96 7.87 0.79
C GLY A 27 -16.49 9.28 1.22
N ARG A 28 -15.65 9.97 0.41
CA ARG A 28 -15.20 11.37 0.58
C ARG A 28 -14.63 11.71 1.99
N THR A 29 -14.01 10.72 2.63
CA THR A 29 -13.54 10.77 4.04
C THR A 29 -12.10 10.25 4.20
N PHE A 30 -11.30 10.27 3.14
CA PHE A 30 -9.89 9.82 3.13
C PHE A 30 -8.97 10.60 4.11
N SER A 31 -9.39 11.80 4.51
CA SER A 31 -8.76 12.62 5.56
C SER A 31 -8.73 11.90 6.93
N SER A 32 -9.73 11.05 7.23
CA SER A 32 -9.78 10.21 8.43
C SER A 32 -9.61 8.72 8.13
N TYR A 33 -10.22 8.19 7.06
CA TYR A 33 -10.03 6.81 6.58
C TYR A 33 -8.75 6.68 5.74
N ALA A 34 -7.60 6.90 6.38
CA ALA A 34 -6.28 6.80 5.77
C ALA A 34 -5.91 5.36 5.40
N MET A 35 -5.04 5.21 4.40
CA MET A 35 -4.64 3.95 3.76
C MET A 35 -3.15 3.65 3.95
N ALA A 36 -2.75 2.38 3.90
CA ALA A 36 -1.33 1.98 3.85
C ALA A 36 -1.05 0.82 2.88
N TRP A 37 0.24 0.53 2.69
CA TRP A 37 0.73 -0.77 2.23
C TRP A 37 1.65 -1.43 3.27
N PHE A 38 1.47 -2.74 3.47
CA PHE A 38 2.40 -3.61 4.18
C PHE A 38 2.95 -4.69 3.24
N ARG A 39 4.16 -5.18 3.51
CA ARG A 39 4.83 -6.25 2.76
C ARG A 39 5.21 -7.41 3.68
N GLN A 40 4.93 -8.64 3.22
CA GLN A 40 5.32 -9.90 3.86
C GLN A 40 6.34 -10.63 2.97
N ALA A 41 7.46 -11.08 3.54
CA ALA A 41 8.53 -11.79 2.83
C ALA A 41 8.88 -13.12 3.54
N PRO A 42 9.27 -14.17 2.80
CA PRO A 42 9.53 -15.49 3.38
C PRO A 42 10.72 -15.47 4.37
N GLY A 43 10.53 -16.08 5.54
CA GLY A 43 11.53 -16.15 6.62
C GLY A 43 11.75 -14.84 7.41
N LYS A 44 10.87 -13.84 7.24
CA LYS A 44 10.97 -12.50 7.86
C LYS A 44 9.60 -12.00 8.34
N GLU A 45 9.59 -11.15 9.37
CA GLU A 45 8.38 -10.46 9.86
C GLU A 45 7.87 -9.41 8.86
N ARG A 46 6.58 -9.06 8.93
CA ARG A 46 5.96 -8.01 8.08
C ARG A 46 6.56 -6.63 8.34
N GLU A 47 6.60 -5.80 7.29
CA GLU A 47 7.14 -4.43 7.32
C GLU A 47 6.18 -3.44 6.64
N PHE A 48 6.08 -2.22 7.17
CA PHE A 48 5.30 -1.13 6.56
C PHE A 48 6.05 -0.51 5.37
N VAL A 49 5.33 -0.21 4.29
CA VAL A 49 5.89 0.40 3.07
C VAL A 49 5.63 1.91 3.07
N ALA A 50 4.38 2.31 3.25
CA ALA A 50 3.93 3.70 3.31
C ALA A 50 2.58 3.85 4.03
N ARG A 51 2.32 5.02 4.60
CA ARG A 51 1.03 5.43 5.24
C ARG A 51 0.57 6.78 4.66
N ILE A 52 -0.64 6.80 4.12
CA ILE A 52 -1.14 7.82 3.16
C ILE A 52 -2.36 8.53 3.74
N SER A 53 -2.29 9.87 3.85
CA SER A 53 -3.36 10.72 4.39
C SER A 53 -4.09 11.51 3.28
N GLY A 54 -5.35 11.87 3.54
CA GLY A 54 -6.13 12.80 2.70
C GLY A 54 -5.85 14.28 2.96
N VAL A 55 -5.10 14.61 4.02
CA VAL A 55 -4.70 15.98 4.38
C VAL A 55 -3.56 16.49 3.49
N GLY A 56 -2.70 15.58 3.00
CA GLY A 56 -1.46 15.91 2.29
C GLY A 56 -0.26 16.18 3.22
N THR A 57 -0.43 16.00 4.53
CA THR A 57 0.59 16.16 5.59
C THR A 57 0.58 14.99 6.58
N ASN A 58 1.63 14.88 7.39
CA ASN A 58 1.90 13.76 8.32
C ASN A 58 1.94 12.39 7.61
N THR A 59 2.45 12.37 6.37
CA THR A 59 2.64 11.16 5.54
C THR A 59 4.00 10.51 5.80
N TYR A 60 4.05 9.17 5.76
CA TYR A 60 5.26 8.38 6.05
C TYR A 60 5.57 7.43 4.89
N TYR A 61 6.83 7.43 4.43
CA TYR A 61 7.36 6.61 3.33
C TYR A 61 8.78 6.10 3.67
N THR A 62 9.13 4.90 3.20
CA THR A 62 10.48 4.34 3.40
C THR A 62 11.45 4.74 2.28
N ASP A 63 12.61 5.27 2.66
CA ASP A 63 13.66 5.71 1.72
C ASP A 63 14.28 4.54 0.92
N SER A 64 14.13 3.30 1.42
CA SER A 64 14.56 2.06 0.73
C SER A 64 13.67 1.67 -0.47
N VAL A 65 12.50 2.28 -0.62
CA VAL A 65 11.57 2.06 -1.76
C VAL A 65 11.37 3.34 -2.58
N LYS A 66 11.50 4.53 -1.98
CA LYS A 66 11.50 5.83 -2.69
C LYS A 66 12.50 5.83 -3.85
N GLY A 67 12.04 6.20 -5.05
CA GLY A 67 12.82 6.25 -6.28
C GLY A 67 12.98 4.91 -7.02
N ARG A 68 12.62 3.77 -6.42
CA ARG A 68 12.58 2.43 -7.07
C ARG A 68 11.25 2.13 -7.75
N VAL A 69 10.17 2.78 -7.29
CA VAL A 69 8.79 2.69 -7.82
C VAL A 69 8.18 4.08 -8.00
N THR A 70 7.20 4.21 -8.89
CA THR A 70 6.39 5.44 -9.04
C THR A 70 5.13 5.34 -8.19
N ILE A 71 4.79 6.41 -7.48
CA ILE A 71 3.57 6.55 -6.66
C ILE A 71 2.80 7.79 -7.12
N SER A 72 1.52 7.60 -7.47
CA SER A 72 0.60 8.66 -7.93
C SER A 72 -0.67 8.70 -7.06
N ARG A 73 -1.02 9.89 -6.55
CA ARG A 73 -2.11 10.12 -5.58
C ARG A 73 -3.05 11.23 -6.07
N ASP A 74 -4.34 11.07 -5.79
CA ASP A 74 -5.37 12.09 -5.99
C ASP A 74 -6.37 12.12 -4.82
N ASN A 75 -6.28 13.14 -3.96
CA ASN A 75 -7.20 13.31 -2.81
C ASN A 75 -8.62 13.71 -3.26
N ALA A 76 -8.75 14.38 -4.42
CA ALA A 76 -10.02 14.78 -5.00
C ALA A 76 -10.79 13.60 -5.65
N LYS A 77 -10.06 12.63 -6.21
CA LYS A 77 -10.61 11.39 -6.82
C LYS A 77 -10.67 10.20 -5.85
N ASN A 78 -9.94 10.27 -4.73
CA ASN A 78 -9.84 9.26 -3.67
C ASN A 78 -9.27 7.92 -4.19
N THR A 79 -8.09 7.97 -4.80
CA THR A 79 -7.44 6.80 -5.44
C THR A 79 -5.91 6.92 -5.43
N VAL A 80 -5.23 5.76 -5.45
CA VAL A 80 -3.76 5.66 -5.48
C VAL A 80 -3.32 4.60 -6.51
N TYR A 81 -2.34 4.97 -7.34
CA TYR A 81 -1.74 4.12 -8.38
C TYR A 81 -0.22 3.97 -8.16
N LEU A 82 0.29 2.74 -8.29
CA LEU A 82 1.70 2.37 -8.19
C LEU A 82 2.18 1.74 -9.49
N GLN A 83 3.40 2.07 -9.93
CA GLN A 83 4.04 1.45 -11.11
C GLN A 83 5.44 0.92 -10.77
N MET A 84 5.73 -0.30 -11.18
CA MET A 84 6.94 -1.05 -10.88
C MET A 84 7.53 -1.62 -12.19
N ASN A 85 8.80 -1.34 -12.46
CA ASN A 85 9.50 -1.79 -13.68
C ASN A 85 10.76 -2.60 -13.33
N SER A 86 11.12 -3.56 -14.17
CA SER A 86 12.28 -4.45 -14.04
C SER A 86 12.37 -5.15 -12.68
N LEU A 87 11.38 -6.00 -12.38
CA LEU A 87 11.31 -6.77 -11.13
C LEU A 87 12.57 -7.63 -10.86
N LYS A 88 12.86 -7.87 -9.57
CA LYS A 88 14.10 -8.47 -9.05
C LYS A 88 13.81 -9.54 -7.98
N PRO A 89 14.65 -10.58 -7.79
CA PRO A 89 14.32 -11.73 -6.94
C PRO A 89 14.11 -11.39 -5.45
N GLU A 90 14.82 -10.38 -4.94
CA GLU A 90 14.63 -9.87 -3.56
C GLU A 90 13.27 -9.17 -3.34
N ASP A 91 12.53 -8.84 -4.42
CA ASP A 91 11.18 -8.28 -4.37
C ASP A 91 10.07 -9.36 -4.21
N THR A 92 10.44 -10.65 -4.18
CA THR A 92 9.49 -11.78 -4.01
C THR A 92 8.80 -11.70 -2.65
N ALA A 93 7.51 -11.33 -2.65
CA ALA A 93 6.75 -10.96 -1.46
C ALA A 93 5.23 -11.05 -1.70
N VAL A 94 4.44 -10.84 -0.63
CA VAL A 94 3.01 -10.53 -0.70
C VAL A 94 2.78 -9.12 -0.17
N TYR A 95 2.11 -8.27 -0.95
CA TYR A 95 1.71 -6.92 -0.57
C TYR A 95 0.24 -6.88 -0.13
N TYR A 96 -0.09 -6.05 0.85
CA TYR A 96 -1.46 -5.87 1.35
C TYR A 96 -1.79 -4.38 1.47
N CYS A 97 -2.94 -3.94 0.92
CA CYS A 97 -3.51 -2.62 1.18
C CYS A 97 -4.76 -2.71 2.06
N ALA A 98 -4.89 -1.74 2.98
CA ALA A 98 -5.95 -1.65 3.99
C ALA A 98 -6.17 -0.18 4.42
N ALA A 99 -7.34 0.10 5.02
CA ALA A 99 -7.71 1.45 5.49
C ALA A 99 -8.39 1.44 6.87
N SER A 100 -8.20 2.53 7.62
CA SER A 100 -8.63 2.70 9.02
C SER A 100 -8.82 4.17 9.43
N ILE A 101 -9.68 4.40 10.42
CA ILE A 101 -9.95 5.72 11.02
C ILE A 101 -8.72 6.20 11.81
N TYR A 102 -8.26 7.42 11.53
CA TYR A 102 -7.21 8.15 12.26
C TYR A 102 -7.48 9.67 12.30
N GLY A 103 -6.67 10.41 13.08
CA GLY A 103 -6.60 11.88 13.05
C GLY A 103 -5.17 12.42 13.05
N TYR A 104 -4.33 11.94 13.97
CA TYR A 104 -2.88 12.24 14.05
C TYR A 104 -2.12 11.11 14.79
N TYR A 105 -0.86 10.90 14.45
CA TYR A 105 0.05 9.97 15.14
C TYR A 105 1.54 10.40 15.07
N SER A 106 2.33 9.93 16.03
CA SER A 106 3.80 10.06 16.09
C SER A 106 4.53 8.85 15.47
N ASP A 107 3.98 7.64 15.64
CA ASP A 107 4.37 6.39 14.99
C ASP A 107 3.14 5.59 14.54
N THR A 108 3.27 4.76 13.50
CA THR A 108 2.15 3.99 12.91
C THR A 108 1.60 2.87 13.81
N SER A 109 2.23 2.57 14.95
CA SER A 109 1.85 1.48 15.87
C SER A 109 0.38 1.50 16.30
N TYR A 110 -0.20 2.69 16.49
CA TYR A 110 -1.64 2.88 16.81
C TYR A 110 -2.58 2.35 15.72
N TYR A 111 -2.13 2.36 14.46
CA TYR A 111 -2.82 1.80 13.29
C TYR A 111 -2.44 0.32 13.03
N THR A 112 -1.21 -0.09 13.33
CA THR A 112 -0.73 -1.48 13.15
C THR A 112 -1.46 -2.52 14.02
N ARG A 113 -2.13 -2.11 15.10
CA ARG A 113 -2.95 -3.00 15.97
C ARG A 113 -4.06 -3.72 15.18
N LEU A 114 -4.23 -5.02 15.40
CA LEU A 114 -5.10 -5.87 14.56
C LEU A 114 -6.58 -5.45 14.56
N ASN A 115 -7.11 -5.02 15.71
CA ASN A 115 -8.50 -4.55 15.80
C ASN A 115 -8.75 -3.16 15.16
N ASN A 116 -7.68 -2.40 14.82
CA ASN A 116 -7.80 -1.08 14.20
C ASN A 116 -8.03 -1.14 12.67
N TYR A 117 -7.75 -2.27 12.00
CA TYR A 117 -8.04 -2.45 10.57
C TYR A 117 -9.57 -2.51 10.35
N LEU A 118 -10.14 -1.49 9.69
CA LEU A 118 -11.58 -1.43 9.36
C LEU A 118 -11.90 -2.20 8.07
N TYR A 119 -11.07 -2.04 7.03
CA TYR A 119 -11.22 -2.66 5.72
C TYR A 119 -9.86 -3.12 5.15
N TRP A 120 -9.82 -4.30 4.53
CA TRP A 120 -8.61 -4.93 3.99
C TRP A 120 -8.90 -5.72 2.71
N GLY A 121 -7.91 -5.78 1.80
CA GLY A 121 -7.95 -6.61 0.59
C GLY A 121 -7.49 -8.07 0.81
N GLN A 122 -7.54 -8.88 -0.25
CA GLN A 122 -6.93 -10.22 -0.27
C GLN A 122 -5.40 -10.17 -0.34
N GLY A 123 -4.84 -9.05 -0.83
CA GLY A 123 -3.42 -8.85 -1.09
C GLY A 123 -2.98 -9.37 -2.47
N THR A 124 -1.81 -8.89 -2.91
CA THR A 124 -1.19 -9.19 -4.20
C THR A 124 0.12 -9.95 -3.99
N GLN A 125 0.19 -11.18 -4.50
CA GLN A 125 1.41 -12.00 -4.53
C GLN A 125 2.30 -11.63 -5.73
N VAL A 126 3.63 -11.76 -5.58
CA VAL A 126 4.61 -11.60 -6.67
C VAL A 126 5.47 -12.87 -6.78
N THR A 127 5.61 -13.42 -8.00
CA THR A 127 6.32 -14.68 -8.28
C THR A 127 7.45 -14.44 -9.28
N VAL A 128 8.65 -14.13 -8.76
CA VAL A 128 9.85 -13.81 -9.56
C VAL A 128 10.64 -15.08 -9.91
N SER A 129 11.23 -15.11 -11.10
CA SER A 129 12.05 -16.21 -11.61
C SER A 129 13.43 -16.32 -10.91
N SER A 130 14.00 -17.54 -10.91
CA SER A 130 15.33 -17.88 -10.38
C SER A 130 16.46 -17.78 -11.41
N GLN A 2 -19.85 4.61 5.71
CA GLN A 2 -18.89 3.51 5.35
C GLN A 2 -17.96 3.92 4.21
N VAL A 3 -16.87 3.16 4.01
CA VAL A 3 -15.96 3.26 2.85
C VAL A 3 -15.91 1.95 2.06
N GLN A 4 -15.44 2.01 0.81
CA GLN A 4 -15.21 0.87 -0.08
C GLN A 4 -13.75 0.84 -0.57
N LEU A 5 -13.27 -0.33 -0.99
CA LEU A 5 -11.92 -0.52 -1.55
C LEU A 5 -11.89 -1.53 -2.71
N GLN A 6 -10.95 -1.33 -3.63
CA GLN A 6 -10.68 -2.17 -4.81
C GLN A 6 -9.17 -2.42 -4.97
N GLU A 7 -8.81 -3.66 -5.30
CA GLU A 7 -7.45 -4.11 -5.61
C GLU A 7 -7.39 -4.67 -7.04
N SER A 8 -6.49 -4.16 -7.88
CA SER A 8 -6.37 -4.58 -9.29
C SER A 8 -4.94 -4.43 -9.85
N GLY A 9 -4.68 -5.04 -11.01
CA GLY A 9 -3.40 -4.98 -11.73
C GLY A 9 -2.21 -5.66 -11.06
N GLY A 10 -2.43 -6.35 -9.93
CA GLY A 10 -1.42 -7.08 -9.17
C GLY A 10 -1.09 -8.47 -9.72
N GLY A 11 0.11 -8.97 -9.41
CA GLY A 11 0.59 -10.30 -9.78
C GLY A 11 2.11 -10.47 -9.59
N LEU A 12 2.56 -11.73 -9.63
CA LEU A 12 3.99 -12.08 -9.54
C LEU A 12 4.60 -12.12 -10.96
N VAL A 13 5.49 -11.16 -11.24
CA VAL A 13 6.04 -10.90 -12.59
C VAL A 13 7.56 -11.10 -12.62
N GLN A 14 8.03 -12.03 -13.45
CA GLN A 14 9.44 -12.37 -13.62
C GLN A 14 10.27 -11.24 -14.28
N ALA A 15 11.60 -11.36 -14.21
CA ALA A 15 12.53 -10.30 -14.64
C ALA A 15 12.33 -9.89 -16.12
N GLY A 16 12.40 -8.59 -16.38
CA GLY A 16 12.15 -7.99 -17.71
C GLY A 16 10.66 -7.82 -18.08
N GLY A 17 9.72 -8.33 -17.27
CA GLY A 17 8.28 -8.06 -17.40
C GLY A 17 7.87 -6.69 -16.84
N SER A 18 6.55 -6.41 -16.81
CA SER A 18 5.98 -5.16 -16.27
C SER A 18 4.76 -5.42 -15.36
N LEU A 19 4.60 -4.59 -14.31
CA LEU A 19 3.57 -4.69 -13.27
C LEU A 19 2.96 -3.31 -12.95
N ARG A 20 1.64 -3.26 -12.68
CA ARG A 20 0.85 -2.01 -12.53
C ARG A 20 -0.16 -2.08 -11.38
N LEU A 21 0.33 -2.03 -10.13
CA LEU A 21 -0.49 -2.08 -8.90
C LEU A 21 -1.49 -0.92 -8.81
N SER A 22 -2.68 -1.19 -8.24
CA SER A 22 -3.62 -0.16 -7.78
C SER A 22 -4.31 -0.51 -6.46
N CYS A 23 -4.52 0.52 -5.63
CA CYS A 23 -5.41 0.53 -4.48
C CYS A 23 -6.33 1.75 -4.60
N ALA A 24 -7.57 1.53 -5.03
CA ALA A 24 -8.58 2.58 -5.18
C ALA A 24 -9.63 2.46 -4.07
N ALA A 25 -9.89 3.54 -3.34
CA ALA A 25 -10.92 3.61 -2.30
C ALA A 25 -11.99 4.67 -2.62
N SER A 26 -13.19 4.47 -2.05
CA SER A 26 -14.36 5.35 -2.24
C SER A 26 -15.10 5.59 -0.92
N GLY A 27 -15.72 6.76 -0.77
CA GLY A 27 -16.40 7.18 0.47
C GLY A 27 -16.42 8.69 0.65
N ARG A 28 -16.51 9.14 1.91
CA ARG A 28 -16.49 10.56 2.33
C ARG A 28 -15.61 10.76 3.57
N THR A 29 -15.18 12.00 3.80
CA THR A 29 -14.37 12.43 4.96
C THR A 29 -13.09 11.60 5.12
N PHE A 30 -12.31 11.47 4.03
CA PHE A 30 -11.04 10.73 4.04
C PHE A 30 -10.03 11.26 5.07
N SER A 31 -10.16 12.53 5.49
CA SER A 31 -9.38 13.14 6.57
C SER A 31 -9.41 12.38 7.91
N SER A 32 -10.38 11.50 8.14
CA SER A 32 -10.44 10.60 9.31
C SER A 32 -10.30 9.09 8.99
N TYR A 33 -9.96 8.74 7.75
CA TYR A 33 -9.66 7.36 7.31
C TYR A 33 -8.27 7.24 6.68
N ALA A 34 -7.33 6.68 7.43
CA ALA A 34 -5.95 6.44 7.00
C ALA A 34 -5.81 5.15 6.17
N MET A 35 -4.70 5.03 5.45
CA MET A 35 -4.29 3.77 4.80
C MET A 35 -2.86 3.38 5.19
N ALA A 36 -2.58 2.07 5.16
CA ALA A 36 -1.29 1.48 5.52
C ALA A 36 -0.91 0.34 4.57
N TRP A 37 0.39 0.15 4.38
CA TRP A 37 0.98 -0.91 3.58
C TRP A 37 1.87 -1.82 4.42
N PHE A 38 1.68 -3.13 4.27
CA PHE A 38 2.43 -4.17 5.01
C PHE A 38 3.05 -5.21 4.06
N ARG A 39 4.16 -5.80 4.48
CA ARG A 39 4.91 -6.86 3.79
C ARG A 39 4.92 -8.13 4.64
N GLN A 40 4.48 -9.26 4.09
CA GLN A 40 4.46 -10.55 4.78
C GLN A 40 5.40 -11.56 4.10
N ALA A 41 6.66 -11.60 4.53
CA ALA A 41 7.65 -12.59 4.08
C ALA A 41 7.36 -14.00 4.62
N PRO A 42 7.46 -15.08 3.82
CA PRO A 42 7.25 -16.44 4.28
C PRO A 42 8.18 -16.83 5.44
N GLY A 43 7.62 -17.44 6.49
CA GLY A 43 8.35 -17.83 7.71
C GLY A 43 8.72 -16.68 8.66
N LYS A 44 8.19 -15.47 8.44
CA LYS A 44 8.47 -14.23 9.19
C LYS A 44 7.18 -13.45 9.50
N GLU A 45 7.21 -12.63 10.55
CA GLU A 45 6.11 -11.72 10.90
C GLU A 45 5.97 -10.54 9.91
N ARG A 46 4.81 -9.87 9.89
CA ARG A 46 4.56 -8.70 9.02
C ARG A 46 5.45 -7.50 9.39
N GLU A 47 5.83 -6.73 8.38
CA GLU A 47 6.64 -5.51 8.49
C GLU A 47 5.95 -4.32 7.80
N PHE A 48 6.07 -3.12 8.35
CA PHE A 48 5.52 -1.89 7.74
C PHE A 48 6.31 -1.47 6.49
N VAL A 49 5.60 -1.05 5.44
CA VAL A 49 6.17 -0.56 4.17
C VAL A 49 5.98 0.96 3.99
N ALA A 50 4.77 1.44 4.26
CA ALA A 50 4.37 2.83 4.08
C ALA A 50 3.16 3.21 4.96
N ARG A 51 3.09 4.49 5.32
CA ARG A 51 2.12 5.09 6.25
C ARG A 51 1.60 6.38 5.63
N ILE A 52 0.30 6.45 5.33
CA ILE A 52 -0.31 7.55 4.53
C ILE A 52 -1.61 8.06 5.17
N SER A 53 -1.61 9.35 5.54
CA SER A 53 -2.74 10.05 6.15
C SER A 53 -3.72 10.63 5.11
N GLY A 54 -4.97 10.85 5.52
CA GLY A 54 -5.99 11.57 4.74
C GLY A 54 -5.86 13.10 4.79
N VAL A 55 -4.95 13.65 5.59
CA VAL A 55 -4.58 15.09 5.58
C VAL A 55 -3.54 15.39 4.48
N GLY A 56 -2.78 14.38 4.05
CA GLY A 56 -1.71 14.52 3.05
C GLY A 56 -0.38 15.02 3.62
N THR A 57 -0.18 14.87 4.94
CA THR A 57 1.05 15.26 5.67
C THR A 57 1.49 14.17 6.65
N ASN A 58 2.75 14.24 7.11
CA ASN A 58 3.41 13.23 7.97
C ASN A 58 3.48 11.83 7.32
N THR A 59 3.48 11.77 5.99
CA THR A 59 3.54 10.51 5.22
C THR A 59 4.94 9.91 5.18
N TYR A 60 5.03 8.58 5.16
CA TYR A 60 6.28 7.83 5.05
C TYR A 60 6.15 6.72 3.99
N TYR A 61 7.20 6.54 3.18
CA TYR A 61 7.33 5.51 2.16
C TYR A 61 8.75 4.90 2.16
N THR A 62 8.92 3.70 1.59
CA THR A 62 10.22 2.99 1.57
C THR A 62 11.20 3.68 0.59
N ASP A 63 12.36 4.13 1.10
CA ASP A 63 13.34 4.93 0.33
C ASP A 63 14.19 4.14 -0.68
N SER A 64 14.31 2.82 -0.52
CA SER A 64 15.10 1.97 -1.42
C SER A 64 14.44 1.70 -2.78
N VAL A 65 13.09 1.77 -2.83
CA VAL A 65 12.28 1.63 -4.06
C VAL A 65 11.89 2.99 -4.67
N LYS A 66 11.95 4.07 -3.91
CA LYS A 66 11.80 5.46 -4.40
C LYS A 66 12.84 5.74 -5.50
N GLY A 67 12.39 6.27 -6.64
CA GLY A 67 13.23 6.50 -7.83
C GLY A 67 13.55 5.25 -8.66
N ARG A 68 12.94 4.09 -8.35
CA ARG A 68 12.96 2.85 -9.17
C ARG A 68 11.59 2.48 -9.75
N VAL A 69 10.52 3.14 -9.28
CA VAL A 69 9.11 2.92 -9.68
C VAL A 69 8.38 4.25 -9.90
N THR A 70 7.33 4.24 -10.72
CA THR A 70 6.38 5.36 -10.81
C THR A 70 5.31 5.19 -9.72
N ILE A 71 4.95 6.29 -9.03
CA ILE A 71 3.87 6.33 -8.03
C ILE A 71 3.01 7.60 -8.21
N SER A 72 1.70 7.42 -8.13
CA SER A 72 0.68 8.47 -8.25
C SER A 72 -0.35 8.35 -7.11
N ARG A 73 -0.70 9.48 -6.50
CA ARG A 73 -1.62 9.59 -5.35
C ARG A 73 -2.41 10.90 -5.39
N ASP A 74 -3.70 10.85 -5.08
CA ASP A 74 -4.61 12.00 -5.06
C ASP A 74 -5.56 11.96 -3.84
N ASN A 75 -5.49 12.97 -2.97
CA ASN A 75 -6.24 12.99 -1.71
C ASN A 75 -7.73 13.34 -1.88
N ALA A 76 -8.10 14.00 -2.99
CA ALA A 76 -9.50 14.29 -3.35
C ALA A 76 -10.28 13.04 -3.78
N LYS A 77 -9.59 12.05 -4.38
CA LYS A 77 -10.14 10.75 -4.79
C LYS A 77 -9.86 9.62 -3.79
N ASN A 78 -8.78 9.75 -2.99
CA ASN A 78 -8.26 8.74 -2.07
C ASN A 78 -7.80 7.45 -2.80
N THR A 79 -7.14 7.62 -3.95
CA THR A 79 -6.66 6.55 -4.84
C THR A 79 -5.12 6.54 -4.96
N VAL A 80 -4.52 5.35 -5.01
CA VAL A 80 -3.07 5.14 -5.18
C VAL A 80 -2.81 4.18 -6.34
N TYR A 81 -1.88 4.55 -7.23
CA TYR A 81 -1.47 3.78 -8.40
C TYR A 81 0.07 3.72 -8.50
N LEU A 82 0.62 2.56 -8.85
CA LEU A 82 2.06 2.38 -9.13
C LEU A 82 2.27 1.67 -10.47
N GLN A 83 3.40 1.95 -11.13
CA GLN A 83 3.82 1.30 -12.38
C GLN A 83 5.31 0.96 -12.36
N MET A 84 5.66 -0.26 -12.78
CA MET A 84 7.01 -0.82 -12.72
C MET A 84 7.31 -1.61 -14.00
N ASN A 85 8.04 -0.99 -14.94
CA ASN A 85 8.56 -1.67 -16.14
C ASN A 85 9.93 -2.30 -15.88
N SER A 86 10.24 -3.40 -16.57
CA SER A 86 11.48 -4.19 -16.46
C SER A 86 11.80 -4.59 -15.01
N LEU A 87 11.01 -5.51 -14.44
CA LEU A 87 11.15 -5.96 -13.04
C LEU A 87 12.60 -6.39 -12.70
N LYS A 88 13.03 -6.02 -11.48
CA LYS A 88 14.41 -6.03 -10.97
C LYS A 88 14.50 -6.83 -9.64
N PRO A 89 15.61 -6.77 -8.86
CA PRO A 89 15.70 -7.35 -7.50
C PRO A 89 14.77 -6.76 -6.41
N GLU A 90 13.61 -6.22 -6.80
CA GLU A 90 12.43 -6.05 -5.93
C GLU A 90 11.62 -7.37 -5.87
N ASP A 91 12.31 -8.49 -5.61
CA ASP A 91 11.72 -9.83 -5.38
C ASP A 91 11.05 -9.93 -3.99
N THR A 92 10.37 -8.85 -3.61
CA THR A 92 9.72 -8.64 -2.30
C THR A 92 8.50 -9.55 -2.10
N ALA A 93 8.04 -9.64 -0.85
CA ALA A 93 6.98 -10.56 -0.44
C ALA A 93 5.56 -10.04 -0.72
N VAL A 94 4.54 -10.67 -0.12
CA VAL A 94 3.12 -10.29 -0.29
C VAL A 94 2.88 -8.88 0.27
N TYR A 95 2.38 -7.98 -0.58
CA TYR A 95 1.99 -6.61 -0.20
C TYR A 95 0.51 -6.57 0.16
N TYR A 96 0.19 -6.12 1.37
CA TYR A 96 -1.17 -5.88 1.85
C TYR A 96 -1.50 -4.38 1.89
N CYS A 97 -2.73 -4.05 1.50
CA CYS A 97 -3.29 -2.70 1.47
C CYS A 97 -4.52 -2.65 2.39
N ALA A 98 -4.51 -1.81 3.41
CA ALA A 98 -5.54 -1.78 4.47
C ALA A 98 -5.91 -0.34 4.89
N ALA A 99 -7.13 -0.17 5.45
CA ALA A 99 -7.70 1.13 5.80
C ALA A 99 -8.28 1.14 7.23
N SER A 100 -7.99 2.20 8.00
CA SER A 100 -8.34 2.34 9.42
C SER A 100 -8.88 3.72 9.78
N ILE A 101 -9.70 3.79 10.83
CA ILE A 101 -10.14 5.06 11.42
C ILE A 101 -8.99 5.71 12.22
N TYR A 102 -8.80 7.02 12.07
CA TYR A 102 -7.80 7.81 12.80
C TYR A 102 -8.20 9.28 12.99
N GLY A 103 -7.48 10.02 13.83
CA GLY A 103 -7.58 11.48 13.97
C GLY A 103 -6.44 12.22 13.26
N TYR A 104 -5.25 12.16 13.85
CA TYR A 104 -3.98 12.71 13.35
C TYR A 104 -2.79 11.93 13.95
N TYR A 105 -1.72 11.71 13.19
CA TYR A 105 -0.52 11.00 13.67
C TYR A 105 0.79 11.46 13.01
N SER A 106 1.92 11.03 13.60
CA SER A 106 3.22 10.92 12.91
C SER A 106 3.43 9.53 12.28
N ASP A 107 2.88 8.47 12.90
CA ASP A 107 2.85 7.09 12.40
C ASP A 107 1.55 6.35 12.75
N THR A 108 1.09 5.47 11.84
CA THR A 108 -0.16 4.69 12.02
C THR A 108 -0.10 3.63 13.13
N SER A 109 1.03 3.46 13.82
CA SER A 109 1.21 2.49 14.92
C SER A 109 0.30 2.72 16.14
N TYR A 110 -0.23 3.94 16.31
CA TYR A 110 -1.28 4.24 17.30
C TYR A 110 -2.65 3.65 16.91
N TYR A 111 -2.92 3.54 15.60
CA TYR A 111 -4.19 3.11 15.00
C TYR A 111 -4.09 1.74 14.27
N THR A 112 -3.03 0.96 14.53
CA THR A 112 -2.75 -0.34 13.88
C THR A 112 -3.51 -1.54 14.50
N ARG A 113 -4.33 -1.29 15.52
CA ARG A 113 -5.18 -2.31 16.19
C ARG A 113 -6.14 -2.96 15.19
N LEU A 114 -6.33 -4.29 15.29
CA LEU A 114 -7.15 -5.06 14.34
C LEU A 114 -8.62 -4.60 14.30
N ASN A 115 -9.16 -4.11 15.42
CA ASN A 115 -10.52 -3.54 15.49
C ASN A 115 -10.63 -2.12 14.88
N ASN A 116 -9.51 -1.39 14.76
CA ASN A 116 -9.47 -0.04 14.15
C ASN A 116 -9.25 -0.10 12.62
N TYR A 117 -8.67 -1.19 12.09
CA TYR A 117 -8.78 -1.51 10.67
C TYR A 117 -10.22 -1.88 10.32
N LEU A 118 -10.86 -1.04 9.52
CA LEU A 118 -12.23 -1.24 9.03
C LEU A 118 -12.25 -2.23 7.85
N TYR A 119 -11.22 -2.17 7.00
CA TYR A 119 -11.04 -3.03 5.84
C TYR A 119 -9.58 -3.45 5.65
N TRP A 120 -9.37 -4.71 5.28
CA TRP A 120 -8.05 -5.30 5.02
C TRP A 120 -8.11 -6.07 3.69
N GLY A 121 -7.23 -5.73 2.74
CA GLY A 121 -7.21 -6.30 1.40
C GLY A 121 -6.83 -7.79 1.35
N GLN A 122 -7.10 -8.43 0.21
CA GLN A 122 -6.67 -9.80 -0.06
C GLN A 122 -5.13 -9.90 -0.24
N GLY A 123 -4.49 -8.79 -0.60
CA GLY A 123 -3.05 -8.68 -0.80
C GLY A 123 -2.59 -9.16 -2.18
N THR A 124 -1.45 -8.63 -2.64
CA THR A 124 -0.82 -8.99 -3.92
C THR A 124 0.48 -9.75 -3.66
N GLN A 125 0.57 -10.98 -4.17
CA GLN A 125 1.83 -11.72 -4.25
C GLN A 125 2.77 -11.07 -5.29
N VAL A 126 4.03 -10.83 -4.90
CA VAL A 126 5.12 -10.41 -5.79
C VAL A 126 6.21 -11.47 -5.74
N THR A 127 6.87 -11.74 -6.87
CA THR A 127 8.07 -12.60 -7.00
C THR A 127 8.77 -12.27 -8.31
N VAL A 128 10.10 -12.08 -8.28
CA VAL A 128 10.93 -11.81 -9.47
C VAL A 128 12.08 -12.82 -9.53
N SER A 129 12.37 -13.34 -10.73
CA SER A 129 13.46 -14.29 -10.99
C SER A 129 14.86 -13.66 -10.87
N SER A 130 15.86 -14.47 -10.48
CA SER A 130 17.27 -14.09 -10.31
C SER A 130 18.22 -15.26 -10.59
#